data_6F8W
#
_entry.id   6F8W
#
_cell.length_a   65.039
_cell.length_b   98.717
_cell.length_c   120.765
_cell.angle_alpha   90.00
_cell.angle_beta   90.00
_cell.angle_gamma   90.00
#
_symmetry.space_group_name_H-M   'P 21 21 21'
#
loop_
_entity.id
_entity.type
_entity.pdbx_description
1 polymer "cAMP-specific 3',5'-cyclic phosphodiesterase 4D"
2 non-polymer 'ZINC ION'
3 non-polymer 'MAGNESIUM ION'
4 non-polymer 3-[3-(3-cyclopentyloxy-4-methoxy-phenyl)pyrazol-1-yl]-1-morpholin-4-yl-propan-1-one
5 water water
#
_entity_poly.entity_id   1
_entity_poly.type   'polypeptide(L)'
_entity_poly.pdbx_seq_one_letter_code
;MSIPRFGVKTEQEDVLAKELEDVNKWGLHVFRIAELSGNRPLTVIMHTIFQERDLLKTFKIPVDTLITYLMTLEDHYHAD
VAYHNNIHAADVVQSTHVLLSTPALEAVFTDLEILAAIFASAIHDVDHPGVSNQFLINTNSELALMYNDSSVLENHHLAV
GFKLLQEENCDIFQNLTKKQRQSLRKMVIDIVLATDMSKHMNLLADLKTMVETKKVTSSGVLLLDNYSDRIQVLQNMVHC
ADLSNPTKPLQLYRQWTDRIMEEFFRQGDRERERGMEISPMCDKHNASVEKSQVGFIDYIVHPLWETWADLVHPDAQDIL
DTLEDNREWYQSTIPQAHHHHHH
;
_entity_poly.pdbx_strand_id   A,B
#
loop_
_chem_comp.id
_chem_comp.type
_chem_comp.name
_chem_comp.formula
D0E non-polymer 3-[3-(3-cyclopentyloxy-4-methoxy-phenyl)pyrazol-1-yl]-1-morpholin-4-yl-propan-1-one 'C22 H29 N3 O4'
MG non-polymer 'MAGNESIUM ION' 'Mg 2'
ZN non-polymer 'ZINC ION' 'Zn 2'
#
# COMPACT_ATOMS: atom_id res chain seq x y z
N LEU A 16 26.62 14.34 -30.46
CA LEU A 16 25.63 14.22 -29.38
C LEU A 16 24.66 15.39 -29.39
N ALA A 17 25.19 16.60 -29.56
CA ALA A 17 24.36 17.79 -29.65
C ALA A 17 23.42 17.66 -30.83
N LYS A 18 23.89 17.01 -31.89
CA LYS A 18 23.07 16.80 -33.07
C LYS A 18 21.93 15.84 -32.78
N GLU A 19 22.21 14.79 -32.00
CA GLU A 19 21.18 13.82 -31.68
C GLU A 19 20.14 14.42 -30.75
N LEU A 20 20.59 15.32 -29.87
CA LEU A 20 19.69 15.94 -28.90
C LEU A 20 18.79 16.97 -29.56
N GLU A 21 19.02 17.24 -30.84
CA GLU A 21 18.12 18.11 -31.59
C GLU A 21 16.75 17.46 -31.74
N ASP A 22 16.72 16.13 -31.61
CA ASP A 22 15.49 15.38 -31.78
C ASP A 22 14.75 15.17 -30.48
N VAL A 23 15.13 15.89 -29.42
CA VAL A 23 14.58 15.62 -28.08
C VAL A 23 13.07 15.86 -28.00
N ASN A 24 12.53 16.72 -28.85
CA ASN A 24 11.09 16.94 -28.88
C ASN A 24 10.36 16.03 -29.86
N LYS A 25 11.08 15.06 -30.43
CA LYS A 25 10.48 14.15 -31.42
C LYS A 25 10.29 12.73 -30.89
N TRP A 26 9.16 12.12 -31.22
CA TRP A 26 8.95 10.71 -30.96
C TRP A 26 10.01 9.89 -31.69
N GLY A 27 10.66 8.97 -30.99
CA GLY A 27 11.59 8.08 -31.67
C GLY A 27 13.02 8.58 -31.66
N LEU A 28 13.31 9.49 -30.74
CA LEU A 28 14.69 9.89 -30.47
C LEU A 28 15.55 8.64 -30.34
N HIS A 29 16.75 8.64 -30.93
CA HIS A 29 17.56 7.43 -30.78
C HIS A 29 18.27 7.43 -29.43
N VAL A 30 17.57 6.93 -28.42
CA VAL A 30 18.07 6.96 -27.06
C VAL A 30 19.29 6.05 -26.86
N PHE A 31 19.42 5.00 -27.67
CA PHE A 31 20.56 4.10 -27.52
C PHE A 31 21.84 4.80 -27.97
N ARG A 32 21.74 5.61 -29.02
CA ARG A 32 22.86 6.43 -29.47
C ARG A 32 23.22 7.50 -28.42
N ILE A 33 22.22 8.16 -27.87
CA ILE A 33 22.42 9.10 -26.76
C ILE A 33 23.20 8.42 -25.63
N ALA A 34 22.84 7.17 -25.33
CA ALA A 34 23.51 6.45 -24.25
C ALA A 34 24.99 6.22 -24.55
N GLU A 35 25.26 5.71 -25.75
CA GLU A 35 26.63 5.50 -26.21
C GLU A 35 27.47 6.79 -26.20
N LEU A 36 26.91 7.85 -26.77
CA LEU A 36 27.61 9.11 -26.95
C LEU A 36 27.87 9.85 -25.64
N SER A 37 27.04 9.61 -24.64
CA SER A 37 27.12 10.33 -23.37
C SER A 37 27.90 9.57 -22.32
N GLY A 38 28.49 8.44 -22.71
CA GLY A 38 29.26 7.62 -21.79
C GLY A 38 28.34 6.92 -20.80
N ASN A 39 27.23 6.42 -21.33
CA ASN A 39 26.19 5.73 -20.56
C ASN A 39 25.53 6.66 -19.53
N ARG A 40 25.25 7.88 -19.94
CA ARG A 40 24.52 8.82 -19.10
C ARG A 40 23.28 9.37 -19.81
N PRO A 41 22.50 8.49 -20.45
CA PRO A 41 21.32 8.99 -21.19
C PRO A 41 20.32 9.69 -20.28
N LEU A 42 20.10 9.17 -19.07
CA LEU A 42 19.11 9.79 -18.19
C LEU A 42 19.53 11.21 -17.78
N THR A 43 20.80 11.36 -17.41
CA THR A 43 21.29 12.67 -16.99
C THR A 43 21.25 13.69 -18.13
N VAL A 44 21.74 13.28 -19.29
CA VAL A 44 21.76 14.16 -20.46
C VAL A 44 20.36 14.54 -20.93
N ILE A 45 19.47 13.56 -21.00
CA ILE A 45 18.13 13.83 -21.50
C ILE A 45 17.31 14.65 -20.48
N MET A 46 17.44 14.34 -19.18
CA MET A 46 16.75 15.12 -18.16
C MET A 46 17.27 16.57 -18.16
N HIS A 47 18.59 16.73 -18.23
CA HIS A 47 19.16 18.09 -18.24
C HIS A 47 18.64 18.87 -19.44
N THR A 48 18.66 18.25 -20.62
CA THR A 48 18.21 18.89 -21.84
C THR A 48 16.76 19.30 -21.72
N ILE A 49 15.93 18.41 -21.19
CA ILE A 49 14.51 18.69 -21.09
C ILE A 49 14.22 19.78 -20.07
N PHE A 50 14.97 19.78 -18.97
CA PHE A 50 14.79 20.80 -17.95
C PHE A 50 15.16 22.18 -18.50
N GLN A 51 16.22 22.24 -19.32
CA GLN A 51 16.60 23.49 -19.97
C GLN A 51 15.55 23.93 -20.99
N GLU A 52 15.09 22.99 -21.81
CA GLU A 52 14.08 23.26 -22.83
C GLU A 52 12.79 23.82 -22.26
N ARG A 53 12.38 23.28 -21.12
CA ARG A 53 11.12 23.70 -20.52
C ARG A 53 11.34 24.82 -19.52
N ASP A 54 12.59 25.27 -19.41
CA ASP A 54 12.98 26.40 -18.55
C ASP A 54 12.65 26.10 -17.09
N LEU A 55 12.79 24.84 -16.69
CA LEU A 55 12.36 24.40 -15.37
C LEU A 55 13.31 24.85 -14.27
N LEU A 56 14.59 24.97 -14.60
CA LEU A 56 15.58 25.39 -13.61
C LEU A 56 15.28 26.82 -13.15
N LYS A 57 14.90 27.67 -14.09
CA LYS A 57 14.56 29.04 -13.76
C LYS A 57 13.25 29.11 -12.98
N THR A 58 12.22 28.41 -13.48
CA THR A 58 10.89 28.47 -12.90
C THR A 58 10.90 28.03 -11.44
N PHE A 59 11.73 27.04 -11.12
CA PHE A 59 11.73 26.48 -9.78
C PHE A 59 13.06 26.73 -9.07
N LYS A 60 13.87 27.62 -9.64
CA LYS A 60 15.13 28.02 -9.04
C LYS A 60 15.96 26.81 -8.64
N ILE A 61 16.07 25.87 -9.57
CA ILE A 61 16.88 24.69 -9.37
C ILE A 61 18.32 24.98 -9.79
N PRO A 62 19.24 24.95 -8.82
CA PRO A 62 20.67 25.11 -9.15
C PRO A 62 21.13 24.01 -10.10
N VAL A 63 21.74 24.40 -11.22
CA VAL A 63 22.14 23.43 -12.22
C VAL A 63 23.06 22.35 -11.66
N ASP A 64 23.93 22.71 -10.72
CA ASP A 64 24.85 21.72 -10.16
C ASP A 64 24.11 20.73 -9.26
N THR A 65 23.06 21.21 -8.59
CA THR A 65 22.19 20.36 -7.79
C THR A 65 21.43 19.38 -8.70
N LEU A 66 20.96 19.88 -9.83
CA LEU A 66 20.26 19.03 -10.79
C LEU A 66 21.16 17.90 -11.27
N ILE A 67 22.37 18.27 -11.70
CA ILE A 67 23.29 17.29 -12.24
C ILE A 67 23.73 16.28 -11.18
N THR A 68 23.91 16.75 -9.96
CA THR A 68 24.33 15.85 -8.88
C THR A 68 23.22 14.84 -8.62
N TYR A 69 21.99 15.31 -8.51
CA TYR A 69 20.88 14.39 -8.28
C TYR A 69 20.75 13.40 -9.44
N LEU A 70 20.79 13.90 -10.67
CA LEU A 70 20.57 13.03 -11.84
C LEU A 70 21.62 11.93 -11.92
N MET A 71 22.88 12.26 -11.65
CA MET A 71 23.94 11.27 -11.74
CA MET A 71 23.94 11.27 -11.74
C MET A 71 23.79 10.20 -10.68
N THR A 72 23.40 10.61 -9.47
CA THR A 72 23.17 9.64 -8.40
C THR A 72 21.95 8.78 -8.72
N LEU A 73 20.89 9.42 -9.19
CA LEU A 73 19.71 8.69 -9.65
C LEU A 73 20.09 7.66 -10.70
N GLU A 74 20.86 8.08 -11.70
CA GLU A 74 21.24 7.20 -12.79
C GLU A 74 22.12 6.06 -12.27
N ASP A 75 22.97 6.36 -11.29
CA ASP A 75 23.80 5.34 -10.65
C ASP A 75 22.97 4.24 -9.97
N HIS A 76 21.74 4.58 -9.59
CA HIS A 76 20.91 3.63 -8.86
C HIS A 76 20.00 2.80 -9.78
N TYR A 77 20.13 3.00 -11.09
CA TYR A 77 19.63 2.02 -12.06
C TYR A 77 20.73 1.01 -12.32
N HIS A 78 20.37 -0.27 -12.39
CA HIS A 78 21.37 -1.33 -12.43
C HIS A 78 21.90 -1.57 -13.83
N ALA A 79 23.22 -1.52 -13.97
CA ALA A 79 23.86 -1.71 -15.27
C ALA A 79 23.67 -3.13 -15.81
N ASP A 80 23.52 -4.11 -14.91
CA ASP A 80 23.42 -5.52 -15.33
C ASP A 80 21.98 -6.00 -15.53
N VAL A 81 21.03 -5.06 -15.52
CA VAL A 81 19.64 -5.39 -15.79
C VAL A 81 19.34 -4.96 -17.23
N ALA A 82 18.97 -5.92 -18.09
CA ALA A 82 18.97 -5.68 -19.53
C ALA A 82 17.95 -4.65 -19.99
N TYR A 83 16.77 -4.62 -19.34
CA TYR A 83 15.72 -3.72 -19.80
C TYR A 83 15.50 -2.58 -18.81
N HIS A 84 15.27 -2.93 -17.55
CA HIS A 84 14.89 -1.92 -16.55
C HIS A 84 16.11 -1.20 -16.00
N ASN A 85 16.75 -0.45 -16.88
CA ASN A 85 17.97 0.28 -16.55
C ASN A 85 17.81 1.77 -16.88
N ASN A 86 18.92 2.49 -16.83
CA ASN A 86 18.89 3.93 -17.05
C ASN A 86 18.46 4.33 -18.46
N ILE A 87 18.66 3.45 -19.44
CA ILE A 87 18.21 3.76 -20.80
C ILE A 87 16.69 3.72 -20.89
N HIS A 88 16.08 2.75 -20.23
CA HIS A 88 14.61 2.70 -20.18
C HIS A 88 14.06 3.95 -19.49
N ALA A 89 14.68 4.32 -18.37
CA ALA A 89 14.24 5.51 -17.66
C ALA A 89 14.34 6.74 -18.55
N ALA A 90 15.46 6.89 -19.25
CA ALA A 90 15.66 8.03 -20.14
C ALA A 90 14.59 8.02 -21.24
N ASP A 91 14.28 6.84 -21.74
CA ASP A 91 13.27 6.68 -22.80
C ASP A 91 11.90 7.12 -22.30
N VAL A 92 11.53 6.70 -21.09
CA VAL A 92 10.21 7.03 -20.57
C VAL A 92 10.12 8.54 -20.28
N VAL A 93 11.20 9.11 -19.74
CA VAL A 93 11.27 10.56 -19.53
C VAL A 93 11.02 11.31 -20.84
N GLN A 94 11.76 10.92 -21.88
CA GLN A 94 11.69 11.64 -23.15
C GLN A 94 10.32 11.45 -23.82
N SER A 95 9.77 10.26 -23.70
CA SER A 95 8.47 9.99 -24.28
C SER A 95 7.38 10.80 -23.57
N THR A 96 7.45 10.85 -22.25
CA THR A 96 6.53 11.68 -21.48
C THR A 96 6.66 13.13 -21.92
N HIS A 97 7.91 13.58 -22.06
CA HIS A 97 8.18 14.95 -22.52
C HIS A 97 7.45 15.27 -23.84
N VAL A 98 7.52 14.35 -24.79
CA VAL A 98 6.79 14.53 -26.05
C VAL A 98 5.26 14.56 -25.85
N LEU A 99 4.72 13.63 -25.05
CA LEU A 99 3.28 13.56 -24.85
C LEU A 99 2.74 14.80 -24.12
N LEU A 100 3.54 15.38 -23.22
CA LEU A 100 3.12 16.58 -22.51
C LEU A 100 2.83 17.72 -23.47
N SER A 101 3.49 17.70 -24.62
CA SER A 101 3.39 18.80 -25.58
C SER A 101 2.36 18.55 -26.68
N THR A 102 1.57 17.49 -26.53
CA THR A 102 0.54 17.18 -27.52
C THR A 102 -0.45 18.34 -27.61
N PRO A 103 -0.86 18.72 -28.82
CA PRO A 103 -1.72 19.90 -28.98
C PRO A 103 -2.99 19.89 -28.14
N ALA A 104 -3.63 18.72 -28.00
CA ALA A 104 -4.87 18.58 -27.25
C ALA A 104 -4.70 18.98 -25.78
N LEU A 105 -3.45 19.06 -25.33
CA LEU A 105 -3.18 19.35 -23.93
C LEU A 105 -2.47 20.69 -23.73
N GLU A 106 -2.46 21.52 -24.77
CA GLU A 106 -1.79 22.82 -24.73
C GLU A 106 -2.31 23.70 -23.60
N ALA A 107 -1.39 24.17 -22.77
CA ALA A 107 -1.69 25.06 -21.65
C ALA A 107 -2.63 24.43 -20.63
N VAL A 108 -2.80 23.11 -20.66
CA VAL A 108 -3.63 22.46 -19.65
C VAL A 108 -2.91 22.32 -18.31
N PHE A 109 -1.67 21.86 -18.34
CA PHE A 109 -0.96 21.54 -17.09
C PHE A 109 -0.06 22.66 -16.59
N THR A 110 0.01 22.80 -15.27
CA THR A 110 0.86 23.80 -14.66
C THR A 110 2.32 23.36 -14.76
N ASP A 111 3.24 24.29 -14.54
CA ASP A 111 4.66 23.94 -14.54
C ASP A 111 4.96 22.89 -13.47
N LEU A 112 4.25 22.94 -12.35
CA LEU A 112 4.47 21.98 -11.26
C LEU A 112 4.01 20.59 -11.68
N GLU A 113 2.86 20.52 -12.35
CA GLU A 113 2.33 19.25 -12.85
C GLU A 113 3.27 18.66 -13.90
N ILE A 114 3.78 19.51 -14.79
CA ILE A 114 4.78 19.08 -15.77
C ILE A 114 6.05 18.54 -15.09
N LEU A 115 6.53 19.27 -14.09
CA LEU A 115 7.68 18.83 -13.32
C LEU A 115 7.41 17.48 -12.66
N ALA A 116 6.22 17.32 -12.11
CA ALA A 116 5.87 16.06 -11.46
C ALA A 116 5.90 14.89 -12.45
N ALA A 117 5.31 15.08 -13.62
CA ALA A 117 5.23 13.99 -14.60
C ALA A 117 6.63 13.57 -15.07
N ILE A 118 7.50 14.55 -15.28
CA ILE A 118 8.84 14.25 -15.78
C ILE A 118 9.70 13.62 -14.70
N PHE A 119 9.64 14.16 -13.48
CA PHE A 119 10.36 13.57 -12.36
C PHE A 119 9.85 12.15 -12.09
N ALA A 120 8.54 11.96 -12.08
CA ALA A 120 7.97 10.62 -11.91
C ALA A 120 8.55 9.65 -12.94
N SER A 121 8.59 10.10 -14.20
CA SER A 121 9.15 9.25 -15.26
C SER A 121 10.59 8.88 -14.98
N ALA A 122 11.37 9.85 -14.49
CA ALA A 122 12.79 9.61 -14.29
C ALA A 122 13.06 8.59 -13.19
N ILE A 123 12.26 8.63 -12.12
CA ILE A 123 12.51 7.72 -11.00
C ILE A 123 11.70 6.42 -11.05
N HIS A 124 10.85 6.25 -12.06
CA HIS A 124 9.72 5.30 -11.94
C HIS A 124 10.15 3.83 -11.84
N ASP A 125 11.38 3.51 -12.24
CA ASP A 125 11.89 2.14 -12.15
C ASP A 125 13.26 2.07 -11.43
N VAL A 126 13.58 3.07 -10.62
CA VAL A 126 14.93 3.11 -10.03
C VAL A 126 15.20 1.92 -9.09
N ASP A 127 16.41 1.40 -9.15
CA ASP A 127 16.84 0.24 -8.36
C ASP A 127 16.03 -1.02 -8.69
N HIS A 128 15.54 -1.11 -9.92
CA HIS A 128 14.84 -2.31 -10.36
C HIS A 128 15.75 -3.51 -10.38
N PRO A 129 15.33 -4.63 -9.76
CA PRO A 129 16.18 -5.82 -9.69
C PRO A 129 16.14 -6.72 -10.92
N GLY A 130 15.26 -6.41 -11.87
CA GLY A 130 15.16 -7.20 -13.07
C GLY A 130 14.27 -8.42 -12.92
N VAL A 131 13.49 -8.45 -11.85
CA VAL A 131 12.46 -9.48 -11.72
C VAL A 131 11.15 -8.78 -11.40
N SER A 132 10.06 -9.51 -11.58
CA SER A 132 8.73 -8.93 -11.44
C SER A 132 8.24 -8.89 -10.00
N ASN A 133 7.17 -8.13 -9.76
CA ASN A 133 6.48 -8.17 -8.48
C ASN A 133 6.10 -9.59 -8.10
N GLN A 134 5.53 -10.34 -9.04
CA GLN A 134 5.07 -11.69 -8.72
C GLN A 134 6.22 -12.59 -8.30
N PHE A 135 7.36 -12.49 -8.98
CA PHE A 135 8.55 -13.23 -8.59
C PHE A 135 8.95 -12.88 -7.15
N LEU A 136 8.96 -11.58 -6.85
CA LEU A 136 9.34 -11.11 -5.52
C LEU A 136 8.37 -11.63 -4.46
N ILE A 137 7.09 -11.70 -4.81
CA ILE A 137 6.08 -12.22 -3.90
C ILE A 137 6.28 -13.73 -3.72
N ASN A 138 6.41 -14.43 -4.85
CA ASN A 138 6.50 -15.88 -4.85
C ASN A 138 7.75 -16.41 -4.15
N THR A 139 8.81 -15.60 -4.11
CA THR A 139 10.06 -16.04 -3.51
C THR A 139 10.22 -15.51 -2.10
N ASN A 140 9.12 -14.97 -1.56
CA ASN A 140 9.12 -14.41 -0.20
C ASN A 140 10.26 -13.43 0.04
N SER A 141 10.47 -12.54 -0.92
CA SER A 141 11.54 -11.54 -0.85
CA SER A 141 11.53 -11.55 -0.86
C SER A 141 11.33 -10.53 0.26
N GLU A 142 12.42 -9.92 0.70
CA GLU A 142 12.38 -8.87 1.71
C GLU A 142 11.58 -7.68 1.20
N LEU A 143 11.64 -7.41 -0.11
CA LEU A 143 10.87 -6.30 -0.65
C LEU A 143 9.38 -6.56 -0.53
N ALA A 144 8.97 -7.79 -0.85
CA ALA A 144 7.56 -8.15 -0.77
C ALA A 144 7.08 -8.16 0.68
N LEU A 145 7.98 -8.54 1.59
CA LEU A 145 7.67 -8.51 3.02
C LEU A 145 7.46 -7.06 3.48
N MET A 146 8.35 -6.17 3.04
CA MET A 146 8.25 -4.76 3.39
CA MET A 146 8.24 -4.77 3.41
C MET A 146 6.93 -4.16 2.91
N TYR A 147 6.55 -4.48 1.68
CA TYR A 147 5.40 -3.80 1.08
C TYR A 147 4.12 -4.63 1.02
N ASN A 148 4.07 -5.71 1.79
CA ASN A 148 2.85 -6.50 1.93
C ASN A 148 2.26 -6.92 0.60
N ASP A 149 3.15 -7.33 -0.30
CA ASP A 149 2.79 -7.89 -1.61
C ASP A 149 2.07 -6.91 -2.54
N SER A 150 2.03 -5.64 -2.18
CA SER A 150 1.21 -4.66 -2.88
C SER A 150 2.06 -3.62 -3.60
N SER A 151 1.95 -3.57 -4.94
CA SER A 151 2.79 -2.68 -5.76
C SER A 151 4.22 -2.66 -5.24
N VAL A 152 4.81 -3.84 -5.11
CA VAL A 152 6.05 -3.97 -4.36
C VAL A 152 7.16 -3.10 -4.95
N LEU A 153 7.45 -3.30 -6.22
CA LEU A 153 8.53 -2.53 -6.81
C LEU A 153 8.18 -1.06 -6.98
N GLU A 154 6.94 -0.74 -7.31
CA GLU A 154 6.59 0.65 -7.56
C GLU A 154 6.70 1.49 -6.28
N ASN A 155 6.27 0.93 -5.16
CA ASN A 155 6.51 1.59 -3.87
C ASN A 155 7.99 1.81 -3.61
N HIS A 156 8.79 0.80 -3.92
CA HIS A 156 10.23 0.86 -3.73
C HIS A 156 10.91 1.91 -4.63
N HIS A 157 10.53 1.96 -5.91
CA HIS A 157 11.05 2.98 -6.82
C HIS A 157 10.81 4.37 -6.27
N LEU A 158 9.61 4.61 -5.77
CA LEU A 158 9.25 5.89 -5.18
C LEU A 158 10.11 6.22 -3.94
N ALA A 159 10.21 5.26 -3.03
CA ALA A 159 10.99 5.46 -1.81
C ALA A 159 12.44 5.81 -2.14
N VAL A 160 13.03 5.04 -3.05
CA VAL A 160 14.43 5.26 -3.41
C VAL A 160 14.59 6.59 -4.15
N GLY A 161 13.69 6.88 -5.09
CA GLY A 161 13.76 8.13 -5.83
C GLY A 161 13.69 9.39 -4.97
N PHE A 162 12.79 9.37 -3.99
CA PHE A 162 12.68 10.47 -3.03
C PHE A 162 13.87 10.51 -2.06
N LYS A 163 14.27 9.33 -1.58
CA LYS A 163 15.36 9.21 -0.62
C LYS A 163 16.66 9.83 -1.17
N LEU A 164 16.88 9.70 -2.47
CA LEU A 164 18.08 10.22 -3.09
C LEU A 164 18.14 11.74 -3.05
N LEU A 165 16.99 12.39 -2.87
CA LEU A 165 16.94 13.85 -2.75
C LEU A 165 17.68 14.31 -1.50
N GLN A 166 17.92 13.38 -0.58
CA GLN A 166 18.55 13.68 0.72
C GLN A 166 20.07 13.70 0.66
N GLU A 167 20.65 13.16 -0.40
CA GLU A 167 22.10 13.10 -0.54
C GLU A 167 22.65 14.52 -0.72
N GLU A 168 23.95 14.68 -0.51
CA GLU A 168 24.56 16.01 -0.50
C GLU A 168 24.34 16.77 -1.81
N ASN A 169 23.75 17.95 -1.68
CA ASN A 169 23.47 18.83 -2.82
C ASN A 169 22.65 18.10 -3.88
N CYS A 170 21.64 17.38 -3.43
CA CYS A 170 20.79 16.61 -4.35
C CYS A 170 19.34 17.06 -4.29
N ASP A 171 19.03 18.04 -3.45
CA ASP A 171 17.62 18.42 -3.31
C ASP A 171 17.21 19.45 -4.36
N ILE A 172 16.75 18.95 -5.51
CA ILE A 172 16.38 19.84 -6.59
C ILE A 172 15.10 20.60 -6.29
N PHE A 173 14.36 20.18 -5.27
CA PHE A 173 13.10 20.83 -4.95
C PHE A 173 13.25 21.79 -3.77
N GLN A 174 14.50 22.10 -3.44
CA GLN A 174 14.84 22.88 -2.25
C GLN A 174 14.21 24.26 -2.25
N ASN A 175 13.94 24.81 -3.44
CA ASN A 175 13.39 26.15 -3.53
C ASN A 175 11.91 26.20 -3.89
N LEU A 176 11.26 25.04 -3.91
CA LEU A 176 9.80 25.03 -3.97
C LEU A 176 9.24 25.41 -2.62
N THR A 177 8.05 25.98 -2.61
CA THR A 177 7.33 26.25 -1.38
C THR A 177 6.92 24.93 -0.72
N LYS A 178 6.55 24.97 0.56
CA LYS A 178 6.07 23.76 1.23
C LYS A 178 4.87 23.18 0.49
N LYS A 179 3.93 24.03 0.11
CA LYS A 179 2.72 23.58 -0.56
C LYS A 179 3.05 22.92 -1.92
N GLN A 180 4.02 23.49 -2.63
CA GLN A 180 4.43 22.95 -3.93
C GLN A 180 5.07 21.57 -3.76
N ARG A 181 5.95 21.47 -2.77
CA ARG A 181 6.60 20.21 -2.45
CA ARG A 181 6.60 20.21 -2.42
C ARG A 181 5.58 19.13 -2.11
N GLN A 182 4.60 19.47 -1.29
CA GLN A 182 3.58 18.51 -0.89
C GLN A 182 2.75 18.08 -2.10
N SER A 183 2.36 19.05 -2.93
CA SER A 183 1.59 18.72 -4.13
C SER A 183 2.38 17.86 -5.11
N LEU A 184 3.64 18.21 -5.33
CA LEU A 184 4.48 17.45 -6.23
C LEU A 184 4.66 16.03 -5.72
N ARG A 185 4.94 15.89 -4.42
CA ARG A 185 5.13 14.57 -3.85
C ARG A 185 3.90 13.70 -4.07
N LYS A 186 2.71 14.26 -3.85
CA LYS A 186 1.48 13.50 -4.03
C LYS A 186 1.29 13.06 -5.48
N MET A 187 1.50 13.98 -6.40
CA MET A 187 1.32 13.68 -7.82
C MET A 187 2.30 12.61 -8.29
N VAL A 188 3.56 12.71 -7.87
CA VAL A 188 4.57 11.75 -8.28
C VAL A 188 4.23 10.36 -7.75
N ILE A 189 3.83 10.29 -6.48
CA ILE A 189 3.40 9.01 -5.93
C ILE A 189 2.21 8.43 -6.73
N ASP A 190 1.17 9.23 -6.96
CA ASP A 190 0.02 8.79 -7.76
C ASP A 190 0.44 8.29 -9.15
N ILE A 191 1.43 8.96 -9.74
CA ILE A 191 1.84 8.59 -11.10
C ILE A 191 2.63 7.28 -11.12
N VAL A 192 3.63 7.16 -10.23
CA VAL A 192 4.48 5.97 -10.27
C VAL A 192 3.70 4.73 -9.83
N LEU A 193 2.77 4.89 -8.89
CA LEU A 193 1.97 3.72 -8.49
C LEU A 193 1.09 3.24 -9.64
N ALA A 194 0.69 4.14 -10.52
CA ALA A 194 -0.10 3.79 -11.70
C ALA A 194 0.70 3.02 -12.76
N THR A 195 2.02 2.85 -12.56
CA THR A 195 2.80 2.04 -13.51
C THR A 195 2.77 0.55 -13.15
N ASP A 196 2.17 0.22 -12.02
CA ASP A 196 1.93 -1.17 -11.64
C ASP A 196 0.93 -1.81 -12.59
N MET A 197 1.32 -2.88 -13.27
CA MET A 197 0.41 -3.50 -14.24
C MET A 197 -0.88 -4.06 -13.64
N SER A 198 -0.88 -4.33 -12.34
CA SER A 198 -2.10 -4.80 -11.68
C SER A 198 -3.19 -3.74 -11.73
N LYS A 199 -2.80 -2.49 -12.04
CA LYS A 199 -3.77 -1.40 -12.10
C LYS A 199 -4.17 -1.07 -13.53
N HIS A 200 -3.56 -1.75 -14.49
CA HIS A 200 -3.73 -1.39 -15.89
C HIS A 200 -5.18 -1.43 -16.36
N MET A 201 -5.88 -2.53 -16.10
CA MET A 201 -7.25 -2.68 -16.61
CA MET A 201 -7.25 -2.68 -16.61
C MET A 201 -8.20 -1.65 -15.99
N ASN A 202 -8.02 -1.35 -14.72
CA ASN A 202 -8.84 -0.35 -14.08
C ASN A 202 -8.53 1.05 -14.61
N LEU A 203 -7.24 1.35 -14.79
CA LEU A 203 -6.83 2.60 -15.42
C LEU A 203 -7.44 2.74 -16.82
N LEU A 204 -7.40 1.67 -17.58
CA LEU A 204 -7.90 1.72 -18.96
C LEU A 204 -9.43 1.90 -18.98
N ALA A 205 -10.10 1.14 -18.12
CA ALA A 205 -11.56 1.21 -18.02
C ALA A 205 -12.00 2.63 -17.71
N ASP A 206 -11.28 3.27 -16.79
CA ASP A 206 -11.61 4.63 -16.41
C ASP A 206 -11.22 5.63 -17.47
N LEU A 207 -10.11 5.38 -18.16
CA LEU A 207 -9.71 6.29 -19.23
C LEU A 207 -10.75 6.29 -20.36
N LYS A 208 -11.24 5.10 -20.69
CA LYS A 208 -12.25 4.95 -21.73
C LYS A 208 -13.50 5.78 -21.39
N THR A 209 -13.89 5.74 -20.12
CA THR A 209 -15.05 6.50 -19.67
C THR A 209 -14.77 7.99 -19.68
N MET A 210 -13.55 8.38 -19.34
CA MET A 210 -13.16 9.78 -19.45
C MET A 210 -13.25 10.27 -20.89
N VAL A 211 -12.81 9.44 -21.83
CA VAL A 211 -12.85 9.81 -23.23
C VAL A 211 -14.30 10.05 -23.68
N GLU A 212 -15.23 9.23 -23.20
CA GLU A 212 -16.58 9.31 -23.72
C GLU A 212 -17.30 10.56 -23.22
N THR A 213 -16.87 11.10 -22.09
CA THR A 213 -17.49 12.30 -21.54
C THR A 213 -16.58 13.52 -21.59
N LYS A 214 -15.52 13.46 -22.40
CA LYS A 214 -14.50 14.50 -22.39
C LYS A 214 -15.01 15.85 -22.88
N LYS A 215 -14.43 16.92 -22.33
CA LYS A 215 -14.83 18.29 -22.65
C LYS A 215 -13.67 19.07 -23.26
N VAL A 216 -13.92 19.81 -24.34
CA VAL A 216 -12.87 20.57 -25.00
C VAL A 216 -13.24 22.03 -25.26
N THR A 217 -12.24 22.91 -25.24
CA THR A 217 -12.42 24.31 -25.58
C THR A 217 -12.71 24.48 -27.07
N SER A 218 -12.90 25.73 -27.50
CA SER A 218 -13.19 26.02 -28.90
C SER A 218 -12.04 25.60 -29.80
N SER A 219 -10.82 25.83 -29.34
CA SER A 219 -9.63 25.47 -30.10
C SER A 219 -9.38 23.96 -30.08
N GLY A 220 -10.15 23.25 -29.28
CA GLY A 220 -10.06 21.80 -29.22
C GLY A 220 -9.12 21.30 -28.14
N VAL A 221 -8.84 22.15 -27.15
CA VAL A 221 -7.99 21.76 -26.03
C VAL A 221 -8.84 21.12 -24.94
N LEU A 222 -8.32 20.04 -24.33
CA LEU A 222 -9.06 19.35 -23.29
C LEU A 222 -9.26 20.20 -22.03
N LEU A 223 -10.45 20.08 -21.45
CA LEU A 223 -10.77 20.73 -20.19
C LEU A 223 -10.75 19.72 -19.04
N LEU A 224 -9.79 19.90 -18.12
CA LEU A 224 -9.67 19.05 -16.94
C LEU A 224 -9.82 19.91 -15.68
N ASP A 225 -10.97 19.78 -15.02
CA ASP A 225 -11.41 20.78 -14.04
C ASP A 225 -11.10 20.46 -12.59
N ASN A 226 -10.73 19.22 -12.31
CA ASN A 226 -10.39 18.82 -10.96
C ASN A 226 -9.09 18.02 -10.91
N TYR A 227 -8.57 17.81 -9.71
CA TYR A 227 -7.33 17.05 -9.57
C TYR A 227 -7.47 15.63 -10.09
N SER A 228 -8.64 15.04 -9.83
CA SER A 228 -8.88 13.65 -10.21
C SER A 228 -8.78 13.44 -11.72
N ASP A 229 -9.37 14.34 -12.50
CA ASP A 229 -9.27 14.25 -13.95
C ASP A 229 -7.85 14.56 -14.42
N ARG A 230 -7.21 15.57 -13.81
CA ARG A 230 -5.85 15.94 -14.19
C ARG A 230 -4.84 14.83 -13.90
N ILE A 231 -4.87 14.29 -12.68
CA ILE A 231 -3.92 13.24 -12.32
C ILE A 231 -4.18 11.98 -13.13
N GLN A 232 -5.45 11.73 -13.46
CA GLN A 232 -5.79 10.58 -14.29
C GLN A 232 -5.10 10.65 -15.65
N VAL A 233 -5.10 11.84 -16.25
CA VAL A 233 -4.45 11.99 -17.54
C VAL A 233 -2.93 11.85 -17.40
N LEU A 234 -2.34 12.41 -16.34
CA LEU A 234 -0.90 12.27 -16.15
C LEU A 234 -0.54 10.81 -15.88
N GLN A 235 -1.36 10.09 -15.12
CA GLN A 235 -1.12 8.67 -14.86
C GLN A 235 -1.10 7.86 -16.15
N ASN A 236 -2.13 8.02 -16.94
CA ASN A 236 -2.19 7.28 -18.20
C ASN A 236 -1.11 7.73 -19.18
N MET A 237 -0.76 9.02 -19.15
CA MET A 237 0.32 9.52 -20.00
C MET A 237 1.64 8.78 -19.71
N VAL A 238 2.03 8.71 -18.45
CA VAL A 238 3.30 8.06 -18.12
C VAL A 238 3.21 6.54 -18.32
N HIS A 239 2.03 5.98 -18.09
CA HIS A 239 1.78 4.56 -18.37
C HIS A 239 1.97 4.27 -19.88
N CYS A 240 1.40 5.14 -20.70
CA CYS A 240 1.59 5.07 -22.16
C CYS A 240 3.06 5.16 -22.54
N ALA A 241 3.78 6.09 -21.92
CA ALA A 241 5.21 6.24 -22.17
C ALA A 241 5.98 4.97 -21.76
N ASP A 242 5.60 4.39 -20.63
CA ASP A 242 6.19 3.14 -20.13
C ASP A 242 5.93 2.00 -21.12
N LEU A 243 4.76 2.03 -21.75
CA LEU A 243 4.36 1.03 -22.72
C LEU A 243 4.49 1.53 -24.15
N SER A 244 5.52 2.34 -24.41
CA SER A 244 5.62 2.94 -25.74
C SER A 244 6.55 2.24 -26.73
N ASN A 245 7.28 1.21 -26.29
CA ASN A 245 8.29 0.60 -27.18
C ASN A 245 7.73 0.18 -28.55
N PRO A 246 6.56 -0.49 -28.56
CA PRO A 246 6.08 -0.97 -29.87
C PRO A 246 5.59 0.15 -30.78
N THR A 247 5.54 1.38 -30.27
CA THR A 247 5.07 2.52 -31.09
C THR A 247 6.24 3.26 -31.71
N LYS A 248 7.45 2.78 -31.45
CA LYS A 248 8.67 3.43 -31.92
C LYS A 248 9.13 2.83 -33.26
N PRO A 249 10.01 3.55 -33.97
CA PRO A 249 10.60 2.98 -35.18
C PRO A 249 11.13 1.58 -34.92
N LEU A 250 10.96 0.72 -35.91
CA LEU A 250 11.21 -0.71 -35.76
C LEU A 250 12.62 -1.03 -35.27
N GLN A 251 13.62 -0.30 -35.74
CA GLN A 251 14.99 -0.54 -35.28
C GLN A 251 15.15 -0.32 -33.77
N LEU A 252 14.43 0.66 -33.22
CA LEU A 252 14.43 0.88 -31.77
C LEU A 252 13.62 -0.19 -31.05
N TYR A 253 12.43 -0.48 -31.57
CA TYR A 253 11.55 -1.47 -30.96
C TYR A 253 12.23 -2.83 -30.89
N ARG A 254 12.93 -3.23 -31.95
CA ARG A 254 13.60 -4.53 -31.89
C ARG A 254 14.64 -4.60 -30.77
N GLN A 255 15.33 -3.50 -30.49
CA GLN A 255 16.33 -3.47 -29.42
CA GLN A 255 16.33 -3.46 -29.43
C GLN A 255 15.67 -3.62 -28.06
N TRP A 256 14.53 -2.95 -27.87
CA TRP A 256 13.76 -3.10 -26.63
C TRP A 256 13.26 -4.52 -26.43
N THR A 257 12.82 -5.15 -27.50
CA THR A 257 12.35 -6.52 -27.42
C THR A 257 13.48 -7.46 -27.03
N ASP A 258 14.65 -7.28 -27.61
CA ASP A 258 15.82 -8.06 -27.24
C ASP A 258 16.11 -7.94 -25.74
N ARG A 259 16.02 -6.73 -25.23
CA ARG A 259 16.37 -6.49 -23.84
C ARG A 259 15.34 -7.07 -22.88
N ILE A 260 14.05 -6.91 -23.18
CA ILE A 260 13.07 -7.43 -22.23
C ILE A 260 13.13 -8.95 -22.21
N MET A 261 13.43 -9.56 -23.35
CA MET A 261 13.48 -11.01 -23.37
C MET A 261 14.69 -11.52 -22.60
N GLU A 262 15.81 -10.83 -22.73
CA GLU A 262 17.00 -11.20 -21.96
C GLU A 262 16.72 -11.13 -20.47
N GLU A 263 16.01 -10.09 -20.06
CA GLU A 263 15.71 -9.92 -18.65
C GLU A 263 14.75 -11.00 -18.17
N PHE A 264 13.71 -11.24 -18.96
CA PHE A 264 12.71 -12.26 -18.66
C PHE A 264 13.32 -13.66 -18.57
N PHE A 265 14.22 -13.97 -19.50
CA PHE A 265 14.82 -15.30 -19.52
C PHE A 265 15.71 -15.51 -18.29
N ARG A 266 16.37 -14.45 -17.83
CA ARG A 266 17.18 -14.54 -16.63
CA ARG A 266 17.18 -14.52 -16.63
C ARG A 266 16.30 -14.79 -15.40
N GLN A 267 15.12 -14.18 -15.37
CA GLN A 267 14.20 -14.47 -14.27
C GLN A 267 13.76 -15.93 -14.35
N GLY A 268 13.42 -16.38 -15.56
CA GLY A 268 13.00 -17.75 -15.78
C GLY A 268 14.07 -18.75 -15.40
N ASP A 269 15.33 -18.40 -15.62
CA ASP A 269 16.45 -19.25 -15.21
C ASP A 269 16.48 -19.39 -13.69
N ARG A 270 16.21 -18.30 -12.99
CA ARG A 270 16.21 -18.30 -11.53
C ARG A 270 15.03 -19.14 -11.01
N GLU A 271 13.89 -19.04 -11.68
CA GLU A 271 12.73 -19.83 -11.32
C GLU A 271 13.03 -21.33 -11.51
N ARG A 272 13.66 -21.66 -12.63
CA ARG A 272 13.97 -23.06 -12.94
C ARG A 272 14.99 -23.61 -11.95
N GLU A 273 16.00 -22.80 -11.60
CA GLU A 273 16.96 -23.19 -10.57
C GLU A 273 16.28 -23.47 -9.23
N ARG A 274 15.22 -22.69 -8.94
CA ARG A 274 14.51 -22.81 -7.66
CA ARG A 274 14.46 -22.77 -7.69
C ARG A 274 13.36 -23.82 -7.76
N GLY A 275 13.32 -24.58 -8.85
CA GLY A 275 12.32 -25.62 -9.00
C GLY A 275 10.93 -25.06 -9.12
N MET A 276 10.84 -23.77 -9.39
CA MET A 276 9.55 -23.09 -9.56
C MET A 276 8.99 -23.31 -10.95
N GLU A 277 7.67 -23.18 -11.07
CA GLU A 277 7.05 -23.08 -12.37
C GLU A 277 7.60 -21.83 -13.06
N ILE A 278 7.97 -21.96 -14.33
CA ILE A 278 8.55 -20.83 -15.05
C ILE A 278 7.45 -19.89 -15.52
N SER A 279 7.60 -18.60 -15.21
CA SER A 279 6.59 -17.61 -15.57
C SER A 279 6.42 -17.53 -17.09
N PRO A 280 5.24 -17.07 -17.54
CA PRO A 280 4.98 -16.87 -18.96
C PRO A 280 6.05 -16.01 -19.64
N MET A 281 6.55 -16.48 -20.77
CA MET A 281 7.51 -15.74 -21.58
C MET A 281 8.89 -15.63 -20.92
N CYS A 282 9.11 -16.42 -19.88
CA CYS A 282 10.40 -16.41 -19.19
C CYS A 282 11.24 -17.66 -19.45
N ASP A 283 10.73 -18.56 -20.30
CA ASP A 283 11.45 -19.81 -20.62
C ASP A 283 12.19 -19.71 -21.96
N LYS A 284 13.51 -19.58 -21.89
CA LYS A 284 14.33 -19.39 -23.09
C LYS A 284 14.27 -20.56 -24.06
N HIS A 285 13.90 -21.74 -23.55
CA HIS A 285 13.82 -22.94 -24.39
C HIS A 285 12.47 -23.07 -25.11
N ASN A 286 11.45 -22.42 -24.57
CA ASN A 286 10.10 -22.55 -25.11
C ASN A 286 9.47 -21.20 -25.33
N ALA A 287 10.24 -20.27 -25.87
CA ALA A 287 9.79 -18.90 -26.06
C ALA A 287 9.41 -18.64 -27.50
N SER A 288 8.39 -17.82 -27.71
CA SER A 288 8.05 -17.35 -29.04
C SER A 288 8.06 -15.81 -29.09
N VAL A 289 9.19 -15.24 -29.48
CA VAL A 289 9.36 -13.80 -29.47
C VAL A 289 8.29 -13.06 -30.29
N GLU A 290 8.10 -13.47 -31.54
CA GLU A 290 7.09 -12.84 -32.39
C GLU A 290 5.69 -13.01 -31.83
N LYS A 291 5.35 -14.22 -31.41
CA LYS A 291 4.04 -14.47 -30.82
C LYS A 291 3.82 -13.61 -29.59
N SER A 292 4.87 -13.48 -28.79
CA SER A 292 4.77 -12.74 -27.55
C SER A 292 4.60 -11.23 -27.79
N GLN A 293 5.32 -10.67 -28.76
CA GLN A 293 5.10 -9.24 -29.05
C GLN A 293 3.72 -8.98 -29.66
N VAL A 294 3.21 -9.89 -30.49
CA VAL A 294 1.89 -9.68 -31.08
C VAL A 294 0.82 -9.71 -29.98
N GLY A 295 0.96 -10.64 -29.05
CA GLY A 295 0.08 -10.72 -27.90
C GLY A 295 0.16 -9.46 -27.04
N PHE A 296 1.38 -8.99 -26.79
CA PHE A 296 1.62 -7.77 -26.01
C PHE A 296 0.91 -6.59 -26.65
N ILE A 297 1.04 -6.48 -27.98
CA ILE A 297 0.40 -5.38 -28.68
C ILE A 297 -1.12 -5.53 -28.66
N ASP A 298 -1.61 -6.73 -28.97
CA ASP A 298 -3.04 -6.94 -29.09
C ASP A 298 -3.81 -6.78 -27.78
N TYR A 299 -3.21 -7.22 -26.68
CA TYR A 299 -3.94 -7.30 -25.42
C TYR A 299 -3.61 -6.19 -24.43
N ILE A 300 -2.49 -5.49 -24.63
CA ILE A 300 -2.10 -4.42 -23.71
C ILE A 300 -1.84 -3.10 -24.42
N VAL A 301 -0.89 -3.10 -25.35
CA VAL A 301 -0.38 -1.83 -25.87
C VAL A 301 -1.38 -1.16 -26.82
N HIS A 302 -1.95 -1.90 -27.76
CA HIS A 302 -2.90 -1.25 -28.68
C HIS A 302 -4.19 -0.81 -27.97
N PRO A 303 -4.76 -1.65 -27.09
CA PRO A 303 -5.96 -1.18 -26.39
C PRO A 303 -5.72 0.15 -25.64
N LEU A 304 -4.55 0.29 -25.03
CA LEU A 304 -4.22 1.52 -24.32
C LEU A 304 -4.00 2.70 -25.28
N TRP A 305 -3.14 2.49 -26.26
CA TRP A 305 -2.80 3.59 -27.16
C TRP A 305 -3.97 4.02 -28.06
N GLU A 306 -4.86 3.12 -28.43
CA GLU A 306 -6.00 3.55 -29.23
C GLU A 306 -6.89 4.43 -28.37
N THR A 307 -6.87 4.22 -27.05
CA THR A 307 -7.69 5.02 -26.15
C THR A 307 -7.05 6.38 -25.94
N TRP A 308 -5.74 6.41 -25.73
CA TRP A 308 -5.03 7.68 -25.67
C TRP A 308 -5.26 8.45 -26.97
N ALA A 309 -5.17 7.76 -28.09
CA ALA A 309 -5.34 8.43 -29.38
C ALA A 309 -6.73 9.06 -29.49
N ASP A 310 -7.72 8.37 -28.94
CA ASP A 310 -9.09 8.87 -28.91
C ASP A 310 -9.14 10.16 -28.09
N LEU A 311 -8.46 10.15 -26.95
CA LEU A 311 -8.46 11.31 -26.06
C LEU A 311 -7.88 12.55 -26.73
N VAL A 312 -6.82 12.37 -27.50
CA VAL A 312 -6.12 13.51 -28.07
C VAL A 312 -6.26 13.61 -29.59
N HIS A 313 -7.24 12.91 -30.15
CA HIS A 313 -7.43 12.85 -31.61
C HIS A 313 -7.36 14.24 -32.26
N PRO A 314 -6.58 14.39 -33.34
CA PRO A 314 -5.81 13.37 -34.04
C PRO A 314 -4.32 13.36 -33.70
N ASP A 315 -3.91 13.93 -32.56
CA ASP A 315 -2.50 14.15 -32.26
C ASP A 315 -1.65 12.89 -32.36
N ALA A 316 -2.21 11.76 -31.96
CA ALA A 316 -1.44 10.54 -31.83
C ALA A 316 -1.63 9.58 -33.01
N GLN A 317 -2.19 10.08 -34.11
CA GLN A 317 -2.47 9.17 -35.22
C GLN A 317 -1.19 8.56 -35.81
N ASP A 318 -0.11 9.33 -35.89
CA ASP A 318 1.14 8.81 -36.45
C ASP A 318 1.73 7.74 -35.52
N ILE A 319 1.57 7.95 -34.22
CA ILE A 319 2.03 6.96 -33.24
C ILE A 319 1.26 5.66 -33.38
N LEU A 320 -0.06 5.79 -33.54
CA LEU A 320 -0.92 4.64 -33.68
C LEU A 320 -0.59 3.92 -34.99
N ASP A 321 -0.33 4.68 -36.04
CA ASP A 321 0.03 4.09 -37.34
C ASP A 321 1.28 3.22 -37.23
N THR A 322 2.27 3.71 -36.49
CA THR A 322 3.54 2.97 -36.34
C THR A 322 3.30 1.69 -35.57
N LEU A 323 2.53 1.79 -34.49
CA LEU A 323 2.17 0.62 -33.70
C LEU A 323 1.48 -0.43 -34.55
N GLU A 324 0.50 -0.02 -35.34
CA GLU A 324 -0.22 -0.98 -36.18
C GLU A 324 0.72 -1.56 -37.25
N ASP A 325 1.62 -0.74 -37.81
CA ASP A 325 2.61 -1.27 -38.75
C ASP A 325 3.54 -2.29 -38.10
N ASN A 326 3.99 -1.97 -36.88
CA ASN A 326 4.90 -2.86 -36.18
C ASN A 326 4.23 -4.18 -35.82
N ARG A 327 2.93 -4.12 -35.51
CA ARG A 327 2.16 -5.32 -35.19
C ARG A 327 2.07 -6.22 -36.41
N GLU A 328 1.81 -5.60 -37.54
CA GLU A 328 1.66 -6.36 -38.78
C GLU A 328 3.01 -6.96 -39.15
N TRP A 329 4.09 -6.25 -38.85
CA TRP A 329 5.43 -6.77 -39.11
CA TRP A 329 5.44 -6.78 -39.10
C TRP A 329 5.73 -8.01 -38.27
N TYR A 330 5.53 -7.90 -36.95
CA TYR A 330 5.84 -9.01 -36.05
C TYR A 330 4.98 -10.23 -36.33
N GLN A 331 3.78 -10.03 -36.90
CA GLN A 331 2.87 -11.12 -37.18
C GLN A 331 3.23 -11.82 -38.49
N SER A 332 4.07 -11.15 -39.28
CA SER A 332 4.27 -11.53 -40.68
C SER A 332 4.97 -12.88 -40.89
N THR A 333 5.79 -13.30 -39.94
CA THR A 333 6.48 -14.60 -40.08
C THR A 333 5.85 -15.71 -39.27
N ILE A 334 4.72 -15.43 -38.64
CA ILE A 334 3.97 -16.47 -37.91
C ILE A 334 2.96 -17.12 -38.86
N PRO A 335 3.09 -18.43 -39.09
CA PRO A 335 2.11 -19.08 -39.97
C PRO A 335 0.70 -18.95 -39.45
N GLN A 336 -0.25 -18.68 -40.34
CA GLN A 336 -1.65 -18.50 -39.95
C GLN A 336 -2.59 -19.07 -41.01
N ALA A 337 -3.75 -19.56 -40.57
CA ALA A 337 -4.73 -20.09 -41.49
C ALA A 337 -5.34 -18.98 -42.35
N ARG B 5 1.25 -23.09 32.89
CA ARG B 5 -0.21 -23.07 32.99
C ARG B 5 -0.77 -21.97 32.09
N PHE B 6 -0.50 -20.73 32.46
CA PHE B 6 -0.71 -19.60 31.59
C PHE B 6 0.68 -19.15 31.15
N GLY B 7 0.91 -19.19 29.85
CA GLY B 7 2.25 -19.27 29.27
C GLY B 7 3.30 -18.21 29.67
N VAL B 8 3.33 -17.77 30.93
CA VAL B 8 4.36 -16.79 31.29
C VAL B 8 4.98 -16.90 32.68
N LYS B 9 4.39 -17.71 33.55
CA LYS B 9 4.85 -17.82 34.94
C LYS B 9 4.61 -16.52 35.70
N THR B 10 3.72 -16.59 36.69
CA THR B 10 3.34 -15.40 37.43
C THR B 10 3.16 -15.68 38.91
N GLU B 11 2.93 -14.60 39.66
CA GLU B 11 2.47 -14.68 41.04
C GLU B 11 1.29 -13.72 41.17
N GLN B 12 0.10 -14.25 41.39
CA GLN B 12 -0.09 -15.66 41.72
C GLN B 12 -0.25 -16.58 40.50
N GLU B 13 -1.50 -16.75 40.07
CA GLU B 13 -1.88 -17.74 39.07
C GLU B 13 -3.35 -18.08 39.27
N ASP B 14 -3.66 -18.55 40.48
CA ASP B 14 -5.02 -18.88 40.82
C ASP B 14 -5.91 -17.65 40.66
N VAL B 15 -5.33 -16.49 40.96
CA VAL B 15 -6.04 -15.24 40.78
C VAL B 15 -6.10 -14.91 39.28
N LEU B 16 -5.01 -15.17 38.58
CA LEU B 16 -4.97 -14.97 37.14
C LEU B 16 -5.97 -15.90 36.45
N ALA B 17 -6.06 -17.13 36.94
CA ALA B 17 -6.99 -18.11 36.39
C ALA B 17 -8.44 -17.65 36.55
N LYS B 18 -8.73 -17.01 37.67
CA LYS B 18 -10.07 -16.52 37.94
C LYS B 18 -10.47 -15.41 36.98
N GLU B 19 -9.52 -14.54 36.65
CA GLU B 19 -9.79 -13.45 35.71
C GLU B 19 -9.92 -14.01 34.29
N LEU B 20 -9.07 -14.97 33.94
CA LEU B 20 -9.08 -15.56 32.60
C LEU B 20 -10.35 -16.35 32.31
N GLU B 21 -11.10 -16.65 33.37
CA GLU B 21 -12.40 -17.29 33.22
C GLU B 21 -13.32 -16.44 32.38
N ASP B 22 -13.03 -15.14 32.32
CA ASP B 22 -13.85 -14.21 31.55
C ASP B 22 -13.32 -13.97 30.14
N VAL B 23 -12.39 -14.79 29.67
CA VAL B 23 -11.77 -14.57 28.37
C VAL B 23 -12.81 -14.65 27.25
N ASN B 24 -13.94 -15.30 27.52
CA ASN B 24 -15.03 -15.41 26.55
CA ASN B 24 -15.01 -15.41 26.54
C ASN B 24 -16.07 -14.31 26.73
N LYS B 25 -15.81 -13.38 27.63
CA LYS B 25 -16.79 -12.33 27.91
C LYS B 25 -16.32 -10.94 27.48
N TRP B 26 -17.26 -10.15 26.99
CA TRP B 26 -17.03 -8.73 26.77
C TRP B 26 -16.72 -8.12 28.13
N GLY B 27 -15.74 -7.24 28.22
CA GLY B 27 -15.45 -6.63 29.51
C GLY B 27 -14.60 -7.45 30.45
N LEU B 28 -13.93 -8.47 29.89
CA LEU B 28 -12.75 -9.03 30.53
C LEU B 28 -11.90 -7.89 31.09
N HIS B 29 -11.42 -8.00 32.33
CA HIS B 29 -10.58 -6.91 32.86
C HIS B 29 -9.14 -7.10 32.41
N VAL B 30 -8.82 -6.51 31.28
CA VAL B 30 -7.54 -6.78 30.65
C VAL B 30 -6.40 -6.10 31.41
N PHE B 31 -6.70 -5.04 32.16
CA PHE B 31 -5.66 -4.36 32.93
C PHE B 31 -5.25 -5.23 34.12
N ARG B 32 -6.25 -5.89 34.72
CA ARG B 32 -5.97 -6.87 35.75
C ARG B 32 -5.08 -8.00 35.20
N ILE B 33 -5.43 -8.49 34.02
CA ILE B 33 -4.64 -9.55 33.41
C ILE B 33 -3.20 -9.10 33.22
N ALA B 34 -3.04 -7.84 32.83
CA ALA B 34 -1.70 -7.30 32.55
C ALA B 34 -0.87 -7.27 33.82
N GLU B 35 -1.48 -6.86 34.93
CA GLU B 35 -0.77 -6.80 36.20
CA GLU B 35 -0.79 -6.80 36.21
C GLU B 35 -0.46 -8.20 36.71
N LEU B 36 -1.45 -9.08 36.71
CA LEU B 36 -1.29 -10.44 37.21
C LEU B 36 -0.30 -11.30 36.40
N SER B 37 -0.03 -10.90 35.17
CA SER B 37 0.78 -11.71 34.29
C SER B 37 2.21 -11.19 34.17
N GLY B 38 2.56 -10.20 34.97
CA GLY B 38 3.87 -9.59 34.86
C GLY B 38 4.01 -8.84 33.54
N ASN B 39 2.96 -8.12 33.17
CA ASN B 39 2.89 -7.33 31.95
C ASN B 39 3.05 -8.17 30.69
N ARG B 40 2.41 -9.33 30.70
CA ARG B 40 2.36 -10.20 29.52
C ARG B 40 0.93 -10.52 29.09
N PRO B 41 0.06 -9.51 29.02
CA PRO B 41 -1.35 -9.78 28.71
C PRO B 41 -1.53 -10.35 27.31
N LEU B 42 -0.70 -9.92 26.36
CA LEU B 42 -0.86 -10.41 24.98
C LEU B 42 -0.48 -11.88 24.89
N THR B 43 0.65 -12.24 25.51
CA THR B 43 1.09 -13.63 25.48
C THR B 43 0.08 -14.53 26.21
N VAL B 44 -0.34 -14.12 27.40
CA VAL B 44 -1.27 -14.92 28.20
C VAL B 44 -2.60 -15.09 27.47
N ILE B 45 -3.15 -14.00 26.95
CA ILE B 45 -4.49 -14.05 26.36
C ILE B 45 -4.46 -14.82 25.03
N MET B 46 -3.42 -14.63 24.23
CA MET B 46 -3.27 -15.37 22.97
C MET B 46 -3.10 -16.86 23.27
N HIS B 47 -2.28 -17.18 24.25
CA HIS B 47 -2.08 -18.58 24.64
C HIS B 47 -3.40 -19.24 25.01
N THR B 48 -4.15 -18.56 25.87
CA THR B 48 -5.46 -19.05 26.32
C THR B 48 -6.41 -19.27 25.15
N ILE B 49 -6.45 -18.31 24.24
CA ILE B 49 -7.35 -18.39 23.11
C ILE B 49 -6.96 -19.51 22.14
N PHE B 50 -5.66 -19.67 21.89
CA PHE B 50 -5.20 -20.76 21.00
C PHE B 50 -5.53 -22.12 21.60
N GLN B 51 -5.33 -22.27 22.90
CA GLN B 51 -5.69 -23.52 23.58
C GLN B 51 -7.22 -23.73 23.53
N GLU B 52 -7.98 -22.68 23.86
CA GLU B 52 -9.45 -22.77 23.87
C GLU B 52 -10.02 -23.19 22.51
N ARG B 53 -9.47 -22.65 21.44
CA ARG B 53 -9.98 -22.93 20.11
C ARG B 53 -9.27 -24.10 19.44
N ASP B 54 -8.36 -24.75 20.19
CA ASP B 54 -7.66 -25.94 19.72
C ASP B 54 -6.80 -25.68 18.48
N LEU B 55 -6.28 -24.47 18.38
CA LEU B 55 -5.57 -24.06 17.19
C LEU B 55 -4.18 -24.69 17.08
N LEU B 56 -3.58 -25.05 18.21
CA LEU B 56 -2.28 -25.70 18.19
C LEU B 56 -2.41 -27.07 17.52
N LYS B 57 -3.49 -27.78 17.85
CA LYS B 57 -3.66 -29.11 17.29
C LYS B 57 -4.02 -29.03 15.81
N THR B 58 -4.89 -28.09 15.46
CA THR B 58 -5.37 -27.97 14.09
C THR B 58 -4.26 -27.64 13.11
N PHE B 59 -3.37 -26.75 13.51
CA PHE B 59 -2.34 -26.25 12.62
C PHE B 59 -0.96 -26.73 13.03
N LYS B 60 -0.94 -27.68 13.97
CA LYS B 60 0.29 -28.29 14.45
C LYS B 60 1.33 -27.25 14.81
N ILE B 61 0.93 -26.35 15.69
CA ILE B 61 1.79 -25.32 16.24
C ILE B 61 2.41 -25.79 17.54
N PRO B 62 3.74 -25.96 17.58
CA PRO B 62 4.39 -26.35 18.84
C PRO B 62 4.16 -25.27 19.89
N VAL B 63 3.78 -25.65 21.11
CA VAL B 63 3.40 -24.67 22.11
C VAL B 63 4.58 -23.75 22.45
N ASP B 64 5.80 -24.31 22.42
CA ASP B 64 6.97 -23.51 22.78
C ASP B 64 7.23 -22.49 21.68
N THR B 65 6.95 -22.87 20.44
CA THR B 65 7.04 -21.97 19.30
C THR B 65 6.04 -20.83 19.43
N LEU B 66 4.81 -21.17 19.78
CA LEU B 66 3.79 -20.15 20.01
C LEU B 66 4.22 -19.16 21.09
N ILE B 67 4.64 -19.66 22.24
CA ILE B 67 5.00 -18.78 23.34
C ILE B 67 6.22 -17.92 22.98
N THR B 68 7.20 -18.49 22.30
CA THR B 68 8.36 -17.73 21.85
C THR B 68 7.95 -16.60 20.92
N TYR B 69 7.10 -16.89 19.93
CA TYR B 69 6.64 -15.85 19.01
C TYR B 69 5.88 -14.76 19.77
N LEU B 70 4.96 -15.17 20.63
CA LEU B 70 4.15 -14.22 21.37
C LEU B 70 4.99 -13.30 22.24
N MET B 71 6.00 -13.88 22.89
CA MET B 71 6.88 -13.10 23.76
CA MET B 71 6.85 -13.07 23.76
C MET B 71 7.67 -12.08 22.94
N THR B 72 8.13 -12.52 21.79
CA THR B 72 8.85 -11.65 20.88
C THR B 72 7.94 -10.56 20.33
N LEU B 73 6.74 -10.94 19.91
CA LEU B 73 5.76 -9.96 19.44
C LEU B 73 5.44 -8.92 20.52
N GLU B 74 5.16 -9.42 21.71
CA GLU B 74 4.81 -8.55 22.83
C GLU B 74 5.94 -7.57 23.14
N ASP B 75 7.19 -8.05 23.04
CA ASP B 75 8.34 -7.19 23.28
C ASP B 75 8.43 -6.03 22.30
N HIS B 76 7.80 -6.16 21.13
CA HIS B 76 7.91 -5.12 20.11
C HIS B 76 6.75 -4.12 20.17
N TYR B 77 5.87 -4.28 21.15
CA TYR B 77 4.97 -3.20 21.52
C TYR B 77 5.71 -2.35 22.55
N HIS B 78 5.70 -1.04 22.37
CA HIS B 78 6.49 -0.14 23.23
C HIS B 78 5.89 -0.01 24.63
N ALA B 79 6.71 -0.20 25.65
CA ALA B 79 6.23 -0.08 27.02
C ALA B 79 5.92 1.36 27.42
N ASP B 80 6.56 2.32 26.76
CA ASP B 80 6.39 3.72 27.14
C ASP B 80 5.35 4.46 26.29
N VAL B 81 4.55 3.71 25.55
CA VAL B 81 3.44 4.29 24.81
C VAL B 81 2.17 4.01 25.59
N ALA B 82 1.41 5.05 25.91
CA ALA B 82 0.33 4.91 26.89
C ALA B 82 -0.86 4.11 26.39
N TYR B 83 -1.17 4.24 25.10
CA TYR B 83 -2.35 3.56 24.59
C TYR B 83 -1.96 2.40 23.66
N HIS B 84 -1.17 2.70 22.64
CA HIS B 84 -0.86 1.69 21.62
C HIS B 84 0.26 0.76 22.06
N ASN B 85 -0.05 -0.03 23.09
CA ASN B 85 0.92 -0.93 23.71
C ASN B 85 0.39 -2.36 23.70
N ASN B 86 1.09 -3.26 24.39
CA ASN B 86 0.70 -4.66 24.43
C ASN B 86 -0.65 -4.89 25.10
N ILE B 87 -1.08 -3.99 25.99
CA ILE B 87 -2.41 -4.15 26.59
C ILE B 87 -3.48 -3.89 25.53
N HIS B 88 -3.27 -2.89 24.68
CA HIS B 88 -4.23 -2.63 23.61
C HIS B 88 -4.31 -3.80 22.63
N ALA B 89 -3.15 -4.38 22.30
CA ALA B 89 -3.10 -5.54 21.41
C ALA B 89 -3.87 -6.71 22.02
N ALA B 90 -3.61 -6.98 23.30
CA ALA B 90 -4.33 -8.02 24.04
C ALA B 90 -5.83 -7.78 24.02
N ASP B 91 -6.23 -6.52 24.22
CA ASP B 91 -7.65 -6.13 24.24
C ASP B 91 -8.30 -6.41 22.88
N VAL B 92 -7.63 -6.01 21.81
CA VAL B 92 -8.22 -6.19 20.49
C VAL B 92 -8.31 -7.68 20.14
N VAL B 93 -7.27 -8.44 20.48
CA VAL B 93 -7.28 -9.88 20.32
C VAL B 93 -8.49 -10.49 21.04
N GLN B 94 -8.65 -10.14 22.32
CA GLN B 94 -9.69 -10.77 23.13
C GLN B 94 -11.08 -10.36 22.64
N SER B 95 -11.19 -9.11 22.19
CA SER B 95 -12.46 -8.60 21.69
C SER B 95 -12.84 -9.29 20.38
N THR B 96 -11.87 -9.46 19.49
CA THR B 96 -12.09 -10.22 18.26
C THR B 96 -12.51 -11.65 18.57
N HIS B 97 -11.84 -12.26 19.55
CA HIS B 97 -12.17 -13.62 20.00
C HIS B 97 -13.64 -13.73 20.43
N VAL B 98 -14.13 -12.73 21.15
CA VAL B 98 -15.55 -12.73 21.54
C VAL B 98 -16.47 -12.52 20.34
N LEU B 99 -16.14 -11.54 19.50
CA LEU B 99 -16.95 -11.26 18.32
C LEU B 99 -17.04 -12.46 17.37
N LEU B 100 -15.98 -13.25 17.30
CA LEU B 100 -15.98 -14.43 16.41
C LEU B 100 -17.01 -15.48 16.86
N SER B 101 -17.32 -15.48 18.15
CA SER B 101 -18.20 -16.51 18.71
C SER B 101 -19.66 -16.06 18.75
N THR B 102 -19.95 -14.91 18.16
CA THR B 102 -21.30 -14.36 18.20
C THR B 102 -22.24 -15.32 17.47
N PRO B 103 -23.42 -15.60 18.05
CA PRO B 103 -24.31 -16.61 17.48
C PRO B 103 -24.62 -16.44 16.00
N ALA B 104 -24.72 -15.21 15.52
CA ALA B 104 -25.04 -14.94 14.11
C ALA B 104 -23.95 -15.42 13.17
N LEU B 105 -22.77 -15.72 13.71
CA LEU B 105 -21.65 -16.15 12.85
C LEU B 105 -21.25 -17.60 13.07
N GLU B 106 -22.12 -18.37 13.75
CA GLU B 106 -21.80 -19.75 14.07
C GLU B 106 -21.53 -20.57 12.81
N ALA B 107 -20.37 -21.25 12.80
CA ALA B 107 -19.95 -22.14 11.72
C ALA B 107 -19.70 -21.41 10.40
N VAL B 108 -19.57 -20.08 10.44
CA VAL B 108 -19.39 -19.33 9.21
C VAL B 108 -17.94 -19.35 8.73
N PHE B 109 -17.00 -19.25 9.66
CA PHE B 109 -15.59 -19.14 9.30
C PHE B 109 -14.82 -20.42 9.50
N THR B 110 -13.87 -20.65 8.61
CA THR B 110 -12.94 -21.77 8.73
C THR B 110 -11.94 -21.52 9.86
N ASP B 111 -11.24 -22.57 10.26
CA ASP B 111 -10.25 -22.45 11.30
C ASP B 111 -9.13 -21.52 10.84
N LEU B 112 -8.84 -21.53 9.54
CA LEU B 112 -7.78 -20.67 8.99
C LEU B 112 -8.22 -19.21 9.01
N GLU B 113 -9.50 -18.96 8.75
CA GLU B 113 -10.04 -17.60 8.82
C GLU B 113 -10.03 -17.08 10.26
N ILE B 114 -10.36 -17.96 11.21
CA ILE B 114 -10.33 -17.62 12.63
C ILE B 114 -8.91 -17.29 13.06
N LEU B 115 -7.97 -18.15 12.67
CA LEU B 115 -6.55 -17.92 12.93
C LEU B 115 -6.06 -16.57 12.36
N ALA B 116 -6.47 -16.27 11.12
CA ALA B 116 -6.11 -15.02 10.48
C ALA B 116 -6.60 -13.80 11.27
N ALA B 117 -7.87 -13.81 11.70
CA ALA B 117 -8.44 -12.68 12.39
C ALA B 117 -7.76 -12.47 13.74
N ILE B 118 -7.47 -13.57 14.43
CA ILE B 118 -6.82 -13.49 15.73
C ILE B 118 -5.37 -13.02 15.59
N PHE B 119 -4.66 -13.60 14.62
CA PHE B 119 -3.28 -13.19 14.39
C PHE B 119 -3.22 -11.72 13.97
N ALA B 120 -4.11 -11.32 13.06
CA ALA B 120 -4.16 -9.92 12.62
C ALA B 120 -4.34 -8.99 13.82
N SER B 121 -5.29 -9.35 14.69
CA SER B 121 -5.57 -8.55 15.89
C SER B 121 -4.30 -8.41 16.74
N ALA B 122 -3.55 -9.49 16.87
CA ALA B 122 -2.37 -9.48 17.77
C ALA B 122 -1.26 -8.59 17.23
N ILE B 123 -1.07 -8.57 15.92
CA ILE B 123 0.03 -7.77 15.36
C ILE B 123 -0.40 -6.39 14.90
N HIS B 124 -1.68 -6.07 15.01
CA HIS B 124 -2.22 -4.96 14.22
C HIS B 124 -1.65 -3.59 14.56
N ASP B 125 -1.07 -3.42 15.76
CA ASP B 125 -0.40 -2.17 16.12
C ASP B 125 1.07 -2.34 16.55
N VAL B 126 1.72 -3.43 16.15
CA VAL B 126 3.04 -3.70 16.72
C VAL B 126 4.07 -2.65 16.29
N ASP B 127 4.98 -2.31 17.22
CA ASP B 127 5.99 -1.26 17.02
C ASP B 127 5.38 0.11 16.78
N HIS B 128 4.19 0.34 17.33
CA HIS B 128 3.56 1.64 17.24
C HIS B 128 4.38 2.70 18.00
N PRO B 129 4.68 3.84 17.36
CA PRO B 129 5.52 4.84 18.04
C PRO B 129 4.76 5.83 18.93
N GLY B 130 3.43 5.75 18.95
CA GLY B 130 2.63 6.65 19.77
C GLY B 130 2.32 7.96 19.09
N VAL B 131 2.53 8.01 17.77
CA VAL B 131 2.12 9.16 16.97
C VAL B 131 1.34 8.67 15.75
N SER B 132 0.58 9.58 15.16
CA SER B 132 -0.32 9.23 14.05
C SER B 132 0.38 9.15 12.69
N ASN B 133 -0.31 8.54 11.71
CA ASN B 133 0.16 8.57 10.33
C ASN B 133 0.43 10.01 9.89
N GLN B 134 -0.48 10.92 10.22
CA GLN B 134 -0.34 12.27 9.70
C GLN B 134 0.87 12.98 10.32
N PHE B 135 1.13 12.74 11.60
CA PHE B 135 2.33 13.25 12.24
C PHE B 135 3.58 12.71 11.55
N LEU B 136 3.58 11.42 11.21
CA LEU B 136 4.73 10.81 10.53
C LEU B 136 4.93 11.40 9.13
N ILE B 137 3.83 11.74 8.47
CA ILE B 137 3.90 12.36 7.16
C ILE B 137 4.42 13.79 7.26
N ASN B 138 3.85 14.55 8.20
CA ASN B 138 4.19 15.97 8.39
C ASN B 138 5.64 16.20 8.82
N THR B 139 6.23 15.22 9.50
CA THR B 139 7.59 15.34 9.98
C THR B 139 8.58 14.64 9.06
N ASN B 140 8.12 14.23 7.87
CA ASN B 140 9.02 13.64 6.89
C ASN B 140 9.77 12.43 7.44
N SER B 141 9.06 11.61 8.19
CA SER B 141 9.68 10.45 8.80
C SER B 141 10.15 9.44 7.76
N GLU B 142 11.14 8.63 8.14
CA GLU B 142 11.58 7.52 7.31
C GLU B 142 10.43 6.57 7.00
N LEU B 143 9.54 6.33 7.97
CA LEU B 143 8.43 5.41 7.72
C LEU B 143 7.53 5.93 6.61
N ALA B 144 7.26 7.23 6.63
CA ALA B 144 6.37 7.81 5.64
C ALA B 144 7.07 7.81 4.28
N LEU B 145 8.40 7.97 4.31
CA LEU B 145 9.17 7.89 3.07
C LEU B 145 9.10 6.49 2.50
N MET B 146 9.26 5.48 3.36
CA MET B 146 9.21 4.10 2.93
CA MET B 146 9.20 4.08 2.95
C MET B 146 7.86 3.73 2.29
N TYR B 147 6.78 4.21 2.89
CA TYR B 147 5.45 3.80 2.49
C TYR B 147 4.67 4.86 1.72
N ASN B 148 5.37 5.88 1.22
CA ASN B 148 4.74 6.83 0.31
C ASN B 148 3.43 7.43 0.89
N ASP B 149 3.50 7.76 2.16
CA ASP B 149 2.43 8.45 2.88
C ASP B 149 1.12 7.67 2.95
N SER B 150 1.14 6.40 2.55
CA SER B 150 -0.09 5.63 2.49
CA SER B 150 -0.07 5.62 2.46
C SER B 150 -0.13 4.50 3.50
N SER B 151 -1.16 4.54 4.36
CA SER B 151 -1.33 3.59 5.46
C SER B 151 0.00 3.31 6.12
N VAL B 152 0.69 4.38 6.51
CA VAL B 152 2.09 4.27 6.90
C VAL B 152 2.31 3.28 8.05
N LEU B 153 1.64 3.50 9.17
CA LEU B 153 1.81 2.60 10.29
C LEU B 153 1.25 1.20 10.06
N GLU B 154 0.07 1.13 9.44
CA GLU B 154 -0.57 -0.17 9.21
C GLU B 154 0.31 -1.07 8.31
N ASN B 155 0.93 -0.50 7.29
CA ASN B 155 1.90 -1.28 6.49
C ASN B 155 3.07 -1.75 7.33
N HIS B 156 3.56 -0.86 8.20
CA HIS B 156 4.64 -1.20 9.10
C HIS B 156 4.27 -2.31 10.10
N HIS B 157 3.09 -2.23 10.70
CA HIS B 157 2.70 -3.24 11.69
C HIS B 157 2.70 -4.62 11.05
N LEU B 158 2.16 -4.72 9.84
CA LEU B 158 2.15 -5.96 9.09
C LEU B 158 3.59 -6.46 8.85
N ALA B 159 4.42 -5.60 8.29
CA ALA B 159 5.80 -5.98 7.99
C ALA B 159 6.53 -6.53 9.23
N VAL B 160 6.40 -5.84 10.35
CA VAL B 160 7.03 -6.29 11.59
C VAL B 160 6.44 -7.60 12.08
N GLY B 161 5.11 -7.68 12.10
CA GLY B 161 4.43 -8.86 12.61
C GLY B 161 4.83 -10.11 11.85
N PHE B 162 4.95 -9.97 10.53
CA PHE B 162 5.37 -11.07 9.69
C PHE B 162 6.86 -11.38 9.85
N LYS B 163 7.67 -10.33 9.93
CA LYS B 163 9.12 -10.50 9.99
C LYS B 163 9.52 -11.29 11.23
N LEU B 164 8.82 -11.08 12.35
CA LEU B 164 9.14 -11.74 13.62
C LEU B 164 8.93 -13.25 13.55
N LEU B 165 8.12 -13.70 12.61
CA LEU B 165 7.97 -15.13 12.35
C LEU B 165 9.31 -15.79 12.04
N GLN B 166 10.25 -14.99 11.53
CA GLN B 166 11.52 -15.52 11.02
C GLN B 166 12.60 -15.65 12.10
N GLU B 167 12.29 -15.18 13.30
CA GLU B 167 13.25 -15.28 14.40
C GLU B 167 13.31 -16.73 14.91
N GLU B 168 14.34 -17.05 15.68
CA GLU B 168 14.55 -18.43 16.08
C GLU B 168 13.36 -19.02 16.83
N ASN B 169 12.85 -20.13 16.31
CA ASN B 169 11.75 -20.85 16.93
C ASN B 169 10.49 -20.01 17.06
N CYS B 170 10.22 -19.20 16.03
CA CYS B 170 9.08 -18.28 16.08
C CYS B 170 8.04 -18.52 14.98
N ASP B 171 8.29 -19.46 14.08
CA ASP B 171 7.38 -19.60 12.95
C ASP B 171 6.18 -20.44 13.32
N ILE B 172 5.16 -19.79 13.88
CA ILE B 172 3.96 -20.49 14.27
C ILE B 172 3.18 -21.06 13.07
N PHE B 173 3.55 -20.68 11.85
CA PHE B 173 2.84 -21.17 10.67
C PHE B 173 3.64 -22.21 9.89
N GLN B 174 4.69 -22.74 10.51
CA GLN B 174 5.59 -23.66 9.81
C GLN B 174 4.90 -24.92 9.28
N ASN B 175 3.82 -25.35 9.92
CA ASN B 175 3.14 -26.57 9.48
C ASN B 175 1.83 -26.30 8.73
N LEU B 176 1.62 -25.05 8.34
CA LEU B 176 0.59 -24.73 7.35
C LEU B 176 1.11 -25.16 5.99
N THR B 177 0.19 -25.50 5.07
CA THR B 177 0.59 -25.77 3.70
C THR B 177 0.95 -24.48 3.01
N LYS B 178 1.61 -24.58 1.87
CA LYS B 178 2.00 -23.40 1.11
C LYS B 178 0.76 -22.57 0.79
N LYS B 179 -0.29 -23.25 0.36
CA LYS B 179 -1.54 -22.58 0.01
C LYS B 179 -2.20 -21.91 1.24
N GLN B 180 -2.21 -22.61 2.37
CA GLN B 180 -2.75 -22.03 3.60
C GLN B 180 -1.99 -20.78 4.02
N ARG B 181 -0.65 -20.84 3.98
CA ARG B 181 0.16 -19.68 4.34
C ARG B 181 -0.18 -18.51 3.44
N GLN B 182 -0.27 -18.77 2.12
CA GLN B 182 -0.60 -17.70 1.20
C GLN B 182 -1.98 -17.11 1.48
N SER B 183 -2.97 -17.95 1.78
CA SER B 183 -4.31 -17.46 2.07
CA SER B 183 -4.32 -17.46 2.06
C SER B 183 -4.33 -16.64 3.35
N LEU B 184 -3.70 -17.16 4.39
CA LEU B 184 -3.66 -16.46 5.67
C LEU B 184 -2.93 -15.13 5.56
N ARG B 185 -1.82 -15.13 4.83
CA ARG B 185 -1.08 -13.89 4.60
C ARG B 185 -1.96 -12.83 3.96
N LYS B 186 -2.66 -13.19 2.89
CA LYS B 186 -3.55 -12.24 2.24
CA LYS B 186 -3.57 -12.26 2.23
C LYS B 186 -4.65 -11.74 3.17
N MET B 187 -5.24 -12.64 3.94
CA MET B 187 -6.31 -12.21 4.85
C MET B 187 -5.80 -11.26 5.94
N VAL B 188 -4.64 -11.58 6.49
CA VAL B 188 -4.09 -10.76 7.56
C VAL B 188 -3.75 -9.36 7.04
N ILE B 189 -3.17 -9.28 5.83
CA ILE B 189 -2.88 -7.98 5.22
C ILE B 189 -4.18 -7.19 5.00
N ASP B 190 -5.19 -7.86 4.43
CA ASP B 190 -6.46 -7.19 4.19
C ASP B 190 -7.06 -6.66 5.49
N ILE B 191 -6.93 -7.44 6.57
CA ILE B 191 -7.56 -7.03 7.83
C ILE B 191 -6.81 -5.87 8.48
N VAL B 192 -5.48 -5.95 8.55
CA VAL B 192 -4.74 -4.90 9.26
C VAL B 192 -4.77 -3.58 8.46
N LEU B 193 -4.74 -3.66 7.14
CA LEU B 193 -4.83 -2.43 6.38
C LEU B 193 -6.18 -1.73 6.59
N ALA B 194 -7.22 -2.52 6.90
CA ALA B 194 -8.55 -1.96 7.18
C ALA B 194 -8.63 -1.27 8.52
N THR B 195 -7.57 -1.33 9.32
CA THR B 195 -7.60 -0.60 10.59
C THR B 195 -7.16 0.86 10.42
N ASP B 196 -6.71 1.21 9.23
CA ASP B 196 -6.38 2.61 8.90
C ASP B 196 -7.65 3.45 8.90
N MET B 197 -7.71 4.48 9.75
CA MET B 197 -8.93 5.29 9.85
C MET B 197 -9.24 6.05 8.57
N SER B 198 -8.25 6.19 7.69
CA SER B 198 -8.51 6.84 6.42
C SER B 198 -9.50 6.01 5.60
N LYS B 199 -9.68 4.75 5.97
CA LYS B 199 -10.53 3.83 5.23
C LYS B 199 -11.88 3.62 5.94
N HIS B 200 -12.04 4.21 7.12
CA HIS B 200 -13.23 3.99 7.94
C HIS B 200 -14.56 4.34 7.25
N MET B 201 -14.63 5.52 6.66
CA MET B 201 -15.90 5.96 6.05
C MET B 201 -16.32 5.03 4.93
N ASN B 202 -15.40 4.69 4.03
CA ASN B 202 -15.68 3.74 2.97
C ASN B 202 -16.04 2.36 3.51
N LEU B 203 -15.31 1.93 4.53
CA LEU B 203 -15.55 0.62 5.09
C LEU B 203 -16.95 0.52 5.71
N LEU B 204 -17.35 1.55 6.45
CA LEU B 204 -18.67 1.57 7.08
C LEU B 204 -19.77 1.62 6.02
N ALA B 205 -19.55 2.41 4.98
CA ALA B 205 -20.53 2.55 3.91
C ALA B 205 -20.79 1.20 3.27
N ASP B 206 -19.71 0.45 3.03
CA ASP B 206 -19.80 -0.86 2.41
C ASP B 206 -20.43 -1.87 3.36
N LEU B 207 -20.19 -1.69 4.66
CA LEU B 207 -20.80 -2.55 5.66
C LEU B 207 -22.31 -2.30 5.71
N LYS B 208 -22.71 -1.04 5.53
CA LYS B 208 -24.12 -0.69 5.51
C LYS B 208 -24.79 -1.37 4.32
N THR B 209 -24.11 -1.33 3.18
CA THR B 209 -24.62 -1.98 1.97
C THR B 209 -24.77 -3.49 2.17
N MET B 210 -23.79 -4.10 2.83
CA MET B 210 -23.88 -5.52 3.15
C MET B 210 -25.06 -5.83 4.07
N VAL B 211 -25.30 -4.97 5.05
CA VAL B 211 -26.40 -5.18 5.97
C VAL B 211 -27.75 -5.11 5.24
N GLU B 212 -27.86 -4.18 4.29
CA GLU B 212 -29.12 -3.99 3.56
C GLU B 212 -29.51 -5.24 2.79
N THR B 213 -28.51 -6.01 2.38
CA THR B 213 -28.76 -7.16 1.52
C THR B 213 -28.34 -8.47 2.16
N LYS B 214 -28.30 -8.50 3.50
CA LYS B 214 -27.78 -9.68 4.17
C LYS B 214 -28.72 -10.88 4.03
N LYS B 215 -28.14 -12.07 4.06
CA LYS B 215 -28.88 -13.32 3.96
C LYS B 215 -28.67 -14.14 5.21
N VAL B 216 -29.75 -14.69 5.78
CA VAL B 216 -29.63 -15.47 6.99
C VAL B 216 -30.42 -16.77 6.90
N THR B 217 -29.96 -17.77 7.64
CA THR B 217 -30.73 -18.99 7.81
C THR B 217 -31.92 -18.68 8.71
N SER B 218 -32.78 -19.66 8.93
CA SER B 218 -33.99 -19.42 9.73
C SER B 218 -33.64 -19.21 11.20
N SER B 219 -32.40 -19.53 11.58
CA SER B 219 -31.94 -19.32 12.94
C SER B 219 -31.12 -18.02 13.02
N GLY B 220 -31.20 -17.23 11.96
CA GLY B 220 -30.57 -15.92 11.92
C GLY B 220 -29.06 -15.97 11.77
N VAL B 221 -28.54 -17.10 11.32
CA VAL B 221 -27.11 -17.22 11.06
C VAL B 221 -26.79 -16.65 9.68
N LEU B 222 -25.72 -15.87 9.60
CA LEU B 222 -25.38 -15.19 8.35
C LEU B 222 -24.89 -16.16 7.29
N LEU B 223 -25.30 -15.92 6.05
CA LEU B 223 -24.81 -16.68 4.91
C LEU B 223 -23.86 -15.80 4.10
N LEU B 224 -22.57 -16.15 4.12
CA LEU B 224 -21.59 -15.44 3.31
C LEU B 224 -21.20 -16.28 2.09
N ASP B 225 -21.08 -15.64 0.94
CA ASP B 225 -21.02 -16.39 -0.32
C ASP B 225 -19.63 -16.64 -0.88
N ASN B 226 -18.68 -15.79 -0.52
CA ASN B 226 -17.38 -15.81 -1.17
C ASN B 226 -16.35 -15.10 -0.32
N TYR B 227 -15.11 -15.05 -0.81
CA TYR B 227 -14.04 -14.38 -0.07
C TYR B 227 -14.40 -12.92 0.25
N SER B 228 -14.96 -12.23 -0.74
CA SER B 228 -15.29 -10.82 -0.58
CA SER B 228 -15.32 -10.82 -0.59
C SER B 228 -16.21 -10.60 0.62
N ASP B 229 -17.23 -11.44 0.75
CA ASP B 229 -18.14 -11.36 1.88
C ASP B 229 -17.43 -11.67 3.19
N ARG B 230 -16.63 -12.73 3.20
CA ARG B 230 -16.03 -13.18 4.45
C ARG B 230 -14.98 -12.21 4.94
N ILE B 231 -14.12 -11.75 4.03
CA ILE B 231 -13.06 -10.82 4.46
C ILE B 231 -13.67 -9.48 4.86
N GLN B 232 -14.77 -9.09 4.24
CA GLN B 232 -15.42 -7.85 4.62
C GLN B 232 -15.92 -7.92 6.06
N VAL B 233 -16.53 -9.04 6.43
CA VAL B 233 -17.00 -9.20 7.80
C VAL B 233 -15.81 -9.24 8.76
N LEU B 234 -14.75 -9.96 8.37
CA LEU B 234 -13.56 -10.02 9.24
C LEU B 234 -12.90 -8.64 9.40
N GLN B 235 -12.82 -7.87 8.31
CA GLN B 235 -12.25 -6.52 8.39
C GLN B 235 -13.04 -5.63 9.33
N ASN B 236 -14.36 -5.64 9.20
CA ASN B 236 -15.18 -4.81 10.06
C ASN B 236 -15.17 -5.31 11.49
N MET B 237 -15.04 -6.63 11.66
CA MET B 237 -15.00 -7.22 12.99
C MET B 237 -13.78 -6.73 13.78
N VAL B 238 -12.61 -6.77 13.15
CA VAL B 238 -11.40 -6.31 13.82
C VAL B 238 -11.39 -4.80 13.98
N HIS B 239 -11.96 -4.09 13.01
CA HIS B 239 -12.11 -2.63 13.12
C HIS B 239 -13.02 -2.28 14.31
N CYS B 240 -14.12 -3.02 14.46
CA CYS B 240 -14.98 -2.86 15.63
C CYS B 240 -14.23 -3.14 16.93
N ALA B 241 -13.42 -4.20 16.95
CA ALA B 241 -12.63 -4.53 18.14
C ALA B 241 -11.64 -3.40 18.48
N ASP B 242 -11.03 -2.85 17.44
CA ASP B 242 -10.10 -1.74 17.59
C ASP B 242 -10.82 -0.52 18.18
N LEU B 243 -12.09 -0.37 17.80
CA LEU B 243 -12.92 0.76 18.23
C LEU B 243 -13.93 0.35 19.31
N SER B 244 -13.54 -0.58 20.19
CA SER B 244 -14.50 -1.13 21.13
C SER B 244 -14.43 -0.52 22.54
N ASN B 245 -13.46 0.36 22.79
CA ASN B 245 -13.31 0.88 24.16
C ASN B 245 -14.61 1.45 24.76
N PRO B 246 -15.33 2.30 24.00
CA PRO B 246 -16.50 2.94 24.60
C PRO B 246 -17.67 1.98 24.79
N THR B 247 -17.54 0.75 24.31
CA THR B 247 -18.62 -0.24 24.45
C THR B 247 -18.36 -1.15 25.63
N LYS B 248 -17.23 -0.96 26.29
CA LYS B 248 -16.84 -1.81 27.43
C LYS B 248 -17.39 -1.26 28.75
N PRO B 249 -17.38 -2.10 29.80
CA PRO B 249 -17.70 -1.65 31.16
C PRO B 249 -16.99 -0.33 31.45
N LEU B 250 -17.73 0.60 32.05
CA LEU B 250 -17.29 1.98 32.15
C LEU B 250 -15.91 2.12 32.77
N GLN B 251 -15.59 1.29 33.76
CA GLN B 251 -14.31 1.45 34.42
C GLN B 251 -13.16 1.15 33.46
N LEU B 252 -13.37 0.25 32.51
CA LEU B 252 -12.37 -0.05 31.49
C LEU B 252 -12.24 1.12 30.53
N TYR B 253 -13.38 1.55 30.02
CA TYR B 253 -13.47 2.70 29.13
C TYR B 253 -12.81 3.94 29.74
N ARG B 254 -13.05 4.20 31.04
CA ARG B 254 -12.43 5.37 31.65
C ARG B 254 -10.90 5.30 31.61
N GLN B 255 -10.36 4.10 31.81
CA GLN B 255 -8.92 3.93 31.75
C GLN B 255 -8.37 4.07 30.33
N TRP B 256 -9.06 3.50 29.35
CA TRP B 256 -8.64 3.68 27.97
C TRP B 256 -8.62 5.15 27.57
N THR B 257 -9.62 5.90 28.04
CA THR B 257 -9.69 7.33 27.72
C THR B 257 -8.47 8.07 28.30
N ASP B 258 -8.17 7.78 29.57
CA ASP B 258 -6.99 8.35 30.22
C ASP B 258 -5.73 8.07 29.40
N ARG B 259 -5.61 6.85 28.89
CA ARG B 259 -4.40 6.45 28.17
C ARG B 259 -4.30 7.09 26.78
N ILE B 260 -5.39 7.15 26.02
CA ILE B 260 -5.32 7.75 24.69
C ILE B 260 -5.05 9.24 24.82
N MET B 261 -5.56 9.87 25.88
CA MET B 261 -5.31 11.30 26.03
C MET B 261 -3.85 11.55 26.38
N GLU B 262 -3.28 10.67 27.20
CA GLU B 262 -1.86 10.77 27.54
C GLU B 262 -1.03 10.67 26.27
N GLU B 263 -1.37 9.71 25.42
CA GLU B 263 -0.62 9.52 24.19
C GLU B 263 -0.78 10.70 23.24
N PHE B 264 -2.02 11.16 23.07
CA PHE B 264 -2.32 12.28 22.18
C PHE B 264 -1.60 13.55 22.66
N PHE B 265 -1.64 13.81 23.96
CA PHE B 265 -1.01 15.02 24.50
C PHE B 265 0.49 15.00 24.27
N ARG B 266 1.09 13.82 24.36
CA ARG B 266 2.52 13.68 24.10
C ARG B 266 2.84 13.99 22.64
N GLN B 267 1.96 13.58 21.72
CA GLN B 267 2.19 13.96 20.33
C GLN B 267 2.05 15.47 20.14
N GLY B 268 1.04 16.05 20.78
CA GLY B 268 0.82 17.49 20.69
C GLY B 268 2.00 18.28 21.25
N ASP B 269 2.64 17.73 22.29
CA ASP B 269 3.84 18.33 22.85
C ASP B 269 4.98 18.32 21.82
N ARG B 270 5.10 17.23 21.05
CA ARG B 270 6.14 17.15 20.03
C ARG B 270 5.85 18.14 18.91
N GLU B 271 4.57 18.30 18.60
CA GLU B 271 4.15 19.26 17.60
C GLU B 271 4.42 20.70 18.04
N ARG B 272 4.08 21.02 19.28
CA ARG B 272 4.24 22.38 19.79
C ARG B 272 5.73 22.73 19.83
N GLU B 273 6.54 21.76 20.21
CA GLU B 273 7.98 21.96 20.32
C GLU B 273 8.60 22.30 18.96
N ARG B 274 8.02 21.77 17.89
CA ARG B 274 8.55 21.99 16.54
C ARG B 274 7.83 23.14 15.84
N GLY B 275 7.03 23.88 16.59
CA GLY B 275 6.29 24.99 16.01
C GLY B 275 5.25 24.57 14.98
N MET B 276 4.81 23.32 15.04
CA MET B 276 3.76 22.85 14.13
C MET B 276 2.38 23.13 14.71
N GLU B 277 1.39 23.17 13.84
CA GLU B 277 0.00 23.19 14.28
C GLU B 277 -0.28 21.94 15.13
N ILE B 278 -0.90 22.13 16.29
CA ILE B 278 -1.17 20.98 17.13
C ILE B 278 -2.40 20.25 16.60
N SER B 279 -2.29 18.93 16.50
CA SER B 279 -3.35 18.12 15.89
C SER B 279 -4.60 18.15 16.75
N PRO B 280 -5.76 17.92 16.12
CA PRO B 280 -7.03 17.83 16.86
C PRO B 280 -6.93 16.95 18.09
N MET B 281 -7.34 17.50 19.23
CA MET B 281 -7.42 16.79 20.51
C MET B 281 -6.06 16.41 21.09
N CYS B 282 -5.00 17.00 20.57
CA CYS B 282 -3.66 16.72 21.11
C CYS B 282 -3.09 17.86 21.95
N ASP B 283 -3.87 18.90 22.21
CA ASP B 283 -3.37 20.07 22.96
C ASP B 283 -3.82 20.03 24.43
N LYS B 284 -2.89 19.67 25.31
CA LYS B 284 -3.21 19.55 26.74
C LYS B 284 -3.64 20.86 27.35
N HIS B 285 -3.28 21.97 26.70
CA HIS B 285 -3.60 23.29 27.23
C HIS B 285 -5.02 23.72 26.88
N ASN B 286 -5.60 23.05 25.89
CA ASN B 286 -6.93 23.40 25.41
C ASN B 286 -7.67 22.13 25.03
N ALA B 287 -8.05 21.35 26.04
CA ALA B 287 -8.68 20.07 25.83
C ALA B 287 -10.06 20.03 26.46
N SER B 288 -10.93 19.25 25.85
CA SER B 288 -12.21 18.91 26.47
C SER B 288 -12.39 17.41 26.35
N VAL B 289 -11.71 16.68 27.23
CA VAL B 289 -11.65 15.21 27.15
C VAL B 289 -13.04 14.58 27.09
N GLU B 290 -13.95 15.05 27.95
CA GLU B 290 -15.29 14.48 28.03
C GLU B 290 -16.11 14.78 26.77
N LYS B 291 -16.05 16.01 26.31
CA LYS B 291 -16.75 16.44 25.12
C LYS B 291 -16.23 15.66 23.90
N SER B 292 -14.92 15.43 23.88
CA SER B 292 -14.30 14.70 22.78
C SER B 292 -14.73 13.24 22.72
N GLN B 293 -14.90 12.62 23.89
CA GLN B 293 -15.39 11.24 23.94
C GLN B 293 -16.81 11.15 23.41
N VAL B 294 -17.63 12.14 23.75
CA VAL B 294 -19.02 12.16 23.27
C VAL B 294 -19.03 12.31 21.76
N GLY B 295 -18.17 13.19 21.25
CA GLY B 295 -18.04 13.39 19.82
C GLY B 295 -17.57 12.12 19.11
N PHE B 296 -16.60 11.46 19.73
CA PHE B 296 -16.03 10.20 19.22
C PHE B 296 -17.10 9.10 19.06
N ILE B 297 -17.93 8.96 20.10
CA ILE B 297 -19.05 8.03 20.06
C ILE B 297 -20.07 8.45 19.01
N ASP B 298 -20.48 9.72 19.01
CA ASP B 298 -21.52 10.16 18.08
C ASP B 298 -21.13 10.06 16.61
N TYR B 299 -19.86 10.35 16.30
CA TYR B 299 -19.47 10.43 14.91
C TYR B 299 -18.75 9.19 14.36
N ILE B 300 -18.13 8.41 15.24
CA ILE B 300 -17.38 7.23 14.81
C ILE B 300 -17.91 5.91 15.40
N VAL B 301 -17.90 5.82 16.72
CA VAL B 301 -18.12 4.54 17.38
C VAL B 301 -19.57 4.07 17.30
N HIS B 302 -20.52 4.96 17.55
CA HIS B 302 -21.91 4.54 17.48
C HIS B 302 -22.34 4.18 16.04
N PRO B 303 -22.04 5.04 15.06
CA PRO B 303 -22.42 4.69 13.69
C PRO B 303 -21.90 3.31 13.28
N LEU B 304 -20.66 2.99 13.67
CA LEU B 304 -20.08 1.69 13.35
C LEU B 304 -20.78 0.55 14.08
N TRP B 305 -20.89 0.68 15.40
CA TRP B 305 -21.43 -0.42 16.19
C TRP B 305 -22.93 -0.62 15.97
N GLU B 306 -23.62 0.45 15.59
CA GLU B 306 -25.04 0.34 15.28
C GLU B 306 -25.21 -0.53 14.04
N THR B 307 -24.27 -0.41 13.11
CA THR B 307 -24.32 -1.16 11.86
C THR B 307 -23.92 -2.62 12.11
N TRP B 308 -22.88 -2.84 12.91
CA TRP B 308 -22.50 -4.19 13.31
C TRP B 308 -23.66 -4.88 14.03
N ALA B 309 -24.29 -4.15 14.97
CA ALA B 309 -25.41 -4.69 15.72
C ALA B 309 -26.53 -5.14 14.76
N ASP B 310 -26.74 -4.37 13.70
CA ASP B 310 -27.72 -4.73 12.66
C ASP B 310 -27.33 -6.05 11.98
N LEU B 311 -26.06 -6.18 11.64
CA LEU B 311 -25.57 -7.35 10.95
C LEU B 311 -25.80 -8.64 11.76
N VAL B 312 -25.58 -8.57 13.06
CA VAL B 312 -25.64 -9.76 13.91
C VAL B 312 -26.86 -9.75 14.84
N HIS B 313 -27.84 -8.92 14.52
CA HIS B 313 -29.01 -8.73 15.40
C HIS B 313 -29.60 -10.06 15.86
N PRO B 314 -29.88 -10.19 17.17
CA PRO B 314 -29.75 -9.19 18.24
C PRO B 314 -28.49 -9.39 19.08
N ASP B 315 -27.46 -10.04 18.52
CA ASP B 315 -26.30 -10.47 19.31
C ASP B 315 -25.62 -9.36 20.09
N ALA B 316 -25.61 -8.16 19.54
CA ALA B 316 -24.80 -7.07 20.10
C ALA B 316 -25.62 -6.03 20.84
N GLN B 317 -26.85 -6.39 21.18
CA GLN B 317 -27.78 -5.42 21.77
C GLN B 317 -27.24 -4.82 23.07
N ASP B 318 -26.66 -5.67 23.91
CA ASP B 318 -26.12 -5.23 25.20
C ASP B 318 -24.88 -4.36 25.02
N ILE B 319 -24.11 -4.64 23.96
CA ILE B 319 -22.94 -3.82 23.66
C ILE B 319 -23.38 -2.42 23.31
N LEU B 320 -24.43 -2.36 22.50
CA LEU B 320 -25.05 -1.10 22.14
C LEU B 320 -25.58 -0.35 23.36
N ASP B 321 -26.30 -1.05 24.22
CA ASP B 321 -26.84 -0.42 25.44
C ASP B 321 -25.75 0.17 26.33
N THR B 322 -24.64 -0.55 26.46
CA THR B 322 -23.50 -0.08 27.26
C THR B 322 -22.88 1.17 26.66
N LEU B 323 -22.74 1.17 25.34
CA LEU B 323 -22.24 2.33 24.62
C LEU B 323 -23.08 3.57 24.94
N GLU B 324 -24.40 3.42 24.89
CA GLU B 324 -25.25 4.56 25.16
C GLU B 324 -25.14 5.02 26.62
N ASP B 325 -25.00 4.08 27.55
CA ASP B 325 -24.82 4.44 28.95
C ASP B 325 -23.50 5.19 29.14
N ASN B 326 -22.46 4.74 28.44
CA ASN B 326 -21.14 5.34 28.58
C ASN B 326 -21.08 6.73 27.94
N ARG B 327 -21.81 6.91 26.85
CA ARG B 327 -21.91 8.25 26.26
C ARG B 327 -22.47 9.20 27.30
N GLU B 328 -23.49 8.73 28.00
CA GLU B 328 -24.17 9.57 28.99
C GLU B 328 -23.26 9.90 30.17
N TRP B 329 -22.38 8.97 30.51
CA TRP B 329 -21.39 9.26 31.54
C TRP B 329 -20.52 10.46 31.16
N TYR B 330 -19.95 10.44 29.97
CA TYR B 330 -19.04 11.51 29.58
C TYR B 330 -19.79 12.80 29.33
N GLN B 331 -21.00 12.70 28.79
CA GLN B 331 -21.90 13.85 28.71
C GLN B 331 -22.09 14.48 30.08
N SER B 332 -22.38 13.64 31.06
CA SER B 332 -22.71 14.13 32.40
C SER B 332 -21.51 14.73 33.13
N THR B 333 -20.31 14.49 32.61
CA THR B 333 -19.11 14.99 33.27
C THR B 333 -18.41 16.09 32.47
N ILE B 334 -19.06 16.60 31.42
CA ILE B 334 -18.56 17.79 30.77
C ILE B 334 -18.63 18.97 31.75
N PRO B 335 -17.49 19.65 31.98
CA PRO B 335 -17.54 20.81 32.88
C PRO B 335 -18.44 21.92 32.32
ZN ZN C . 9.16 1.16 -16.68
MG MG D . 8.06 -0.42 -13.45
MG MG E . -7.88 -4.27 -30.67
MG MG F . 0.60 14.31 -40.93
C10 D0E G . 6.81 -4.63 -21.63
C13 D0E G . 6.00 -4.35 -20.48
C15 D0E G . 5.79 -2.08 -16.76
C17 D0E G . 7.23 -4.83 -17.01
C20 D0E G . 5.83 -5.60 -15.09
C21 D0E G . 4.46 -4.38 -18.92
C22 D0E G . 4.95 -5.11 -19.93
C01 D0E G . 9.47 -4.80 -25.90
O01 D0E G . 8.79 -5.63 -25.08
C02 D0E G . 8.19 -5.21 -23.96
C03 D0E G . 7.39 -6.17 -23.46
O02 D0E G . 7.17 -7.39 -23.91
C04 D0E G . 7.16 -8.53 -23.09
C05 D0E G . 8.13 -9.65 -23.45
C06 D0E G . 7.23 -10.64 -23.98
C07 D0E G . 6.10 -9.82 -24.45
C08 D0E G . 5.84 -8.96 -23.27
C09 D0E G . 6.68 -5.86 -22.29
C11 D0E G . 7.61 -3.72 -22.20
C12 D0E G . 8.29 -4.02 -23.33
N01 D0E G . 6.04 -3.25 -19.85
N02 D0E G . 5.14 -3.26 -18.90
C14 D0E G . 4.88 -2.21 -17.97
C16 D0E G . 5.55 -3.29 -15.87
N03 D0E G . 6.18 -4.51 -16.03
C18 D0E G . 7.22 -6.26 -17.56
O03 D0E G . 7.05 -7.22 -16.52
C19 D0E G . 5.86 -6.98 -15.75
O04 D0E G . 4.71 -3.16 -14.97
H19 D0E G . 6.84 -1.95 -17.03
H01 D0E G . 5.48 -1.20 -16.18
H21 D0E G . 7.18 -4.14 -17.84
H20 D0E G . 8.18 -4.65 -16.48
H26 D0E G . 6.50 -5.60 -14.22
H27 D0E G . 4.82 -5.38 -14.74
H28 D0E G . 3.68 -4.61 -18.21
H29 D0E G . 4.63 -6.09 -20.20
H02 D0E G . 9.12 -5.05 -26.90
H03 D0E G . 10.52 -4.99 -25.89
H04 D0E G . 9.23 -3.77 -25.69
H05 D0E G . 7.27 -8.32 -22.03
H06 D0E G . 8.83 -9.33 -24.22
H07 D0E G . 8.68 -10.04 -22.61
H08 D0E G . 6.92 -11.30 -23.17
H09 D0E G . 7.69 -11.24 -24.76
H11 D0E G . 5.22 -10.39 -24.72
H10 D0E G . 6.42 -9.24 -25.31
H13 D0E G . 5.54 -9.56 -22.42
H12 D0E G . 5.10 -8.19 -23.44
H14 D0E G . 6.02 -6.56 -21.82
H15 D0E G . 7.72 -2.75 -21.76
H16 D0E G . 8.88 -3.49 -23.82
H18 D0E G . 3.83 -2.25 -17.66
H17 D0E G . 4.96 -1.27 -18.55
H22 D0E G . 6.42 -6.39 -18.29
H23 D0E G . 8.17 -6.48 -18.06
H24 D0E G . 5.81 -7.77 -14.99
H25 D0E G . 5.01 -7.11 -16.43
ZN ZN H . -5.33 -0.48 17.41
MG MG I . -3.55 1.01 14.45
MG MG J . -23.17 -12.41 -0.44
C10 D0E K . -9.66 5.94 19.52
C13 D0E K . -9.44 5.69 18.12
C15 D0E K . -7.28 3.28 15.31
C17 D0E K . -5.99 5.75 16.66
C20 D0E K . -5.48 6.60 14.39
C21 D0E K . -9.46 5.82 15.93
C22 D0E K . -9.71 6.53 17.03
C01 D0E K . -10.94 5.99 24.37
O01 D0E K . -10.58 6.84 23.39
C02 D0E K . -10.27 6.47 22.17
C03 D0E K . -10.25 7.50 21.32
O02 D0E K . -10.51 8.79 21.57
C04 D0E K . -9.80 9.87 21.06
C05 D0E K . -9.44 10.96 22.08
C06 D0E K . -10.23 12.05 21.61
C07 D0E K . -11.41 11.34 21.07
C08 D0E K . -10.74 10.38 20.14
C09 D0E K . -9.96 7.23 19.97
C11 D0E K . -9.70 4.95 20.43
C12 D0E K . -9.98 5.22 21.73
N01 D0E K . -9.12 4.56 17.64
N02 D0E K . -9.10 4.63 16.33
C14 D0E K . -8.76 3.57 15.43
C16 D0E K . -6.61 4.44 14.57
N03 D0E K . -6.07 5.54 15.21
C18 D0E K . -6.21 7.19 17.13
O03 D0E K . -5.62 8.16 16.26
C19 D0E K . -5.93 7.97 14.89
O04 D0E K . -6.59 4.37 13.34
H19 D0E K . -6.80 3.07 16.28
H01 D0E K . -7.15 2.39 14.69
H21 D0E K . -6.70 5.10 17.19
H20 D0E K . -4.98 5.43 16.96
H26 D0E K . -4.39 6.53 14.38
H27 D0E K . -5.84 6.43 13.35
H28 D0E K . -9.50 6.10 14.89
H29 D0E K . -10.01 7.55 17.03
H02 D0E K . -11.82 6.41 24.82
H03 D0E K . -10.20 5.89 25.14
H04 D0E K . -11.21 5.02 23.95
H05 D0E K . -8.91 9.64 20.49
H06 D0E K . -9.75 10.67 23.08
H07 D0E K . -8.40 11.22 22.10
H08 D0E K . -9.69 12.57 20.81
H09 D0E K . -10.49 12.75 22.39
H11 D0E K . -12.11 11.97 20.52
H10 D0E K . -11.93 10.83 21.87
H13 D0E K . -10.22 10.89 19.34
H12 D0E K . -11.42 9.65 19.70
H14 D0E K . -9.95 7.99 19.22
H15 D0E K . -9.50 3.94 20.13
H16 D0E K . -10.04 4.64 22.46
H18 D0E K . -9.20 3.78 14.44
H17 D0E K . -9.27 2.67 15.80
H22 D0E K . -7.28 7.41 17.19
H23 D0E K . -5.78 7.34 18.13
H24 D0E K . -5.43 8.76 14.31
H25 D0E K . -7.00 8.10 14.76
#